data_9KVQ
#
_entry.id   9KVQ
#
_cell.length_a   1.00
_cell.length_b   1.00
_cell.length_c   1.00
_cell.angle_alpha   90.00
_cell.angle_beta   90.00
_cell.angle_gamma   90.00
#
_symmetry.space_group_name_H-M   'P 1'
#
loop_
_entity.id
_entity.type
_entity.pdbx_description
1 polymer 'Light chain of 3E2'
2 polymer 'Heavy chain of 3E2'
3 polymer 'Light chain of 8H12'
4 polymer 'Heavy chain of 8H12'
5 polymer 'Spike protein S1'
6 polymer 'Light chain of 1C4'
7 polymer 'Heavy chain of 1C4'
8 branched beta-D-mannopyranose-(1-4)-2-acetamido-2-deoxy-beta-D-glucopyranose-(1-4)-2-acetamido-2-deoxy-beta-D-glucopyranose
#
loop_
_entity_poly.entity_id
_entity_poly.type
_entity_poly.pdbx_seq_one_letter_code
_entity_poly.pdbx_strand_id
1 'polypeptide(L)'
;QIVLTQSPAIMSASLGEEITLTCSVSSSVSDMHWYQQKSGTSPKVFIYSTSNLASGVPSRFSGSGSGTFYSLTISSVEAE
DAAYYYCHQWSSWTFGGGTKLEIK
;
L
2 'polypeptide(L)'
;EVMLVESGGGVVKPGGSLKLSCAASGFSFSTYAMSWIRQTPEKSLEWVAAISSGGTNTYYPGSVKGRFTISRDKAMNTLY
LQLSSLRSEDTAMYYCVRHSGNYVDSVMDYWGQGTSVTVSS
;
H
3 'polypeptide(L)'
;DIVMTQFQKFMSTSVGDRVSITCKASQNVRTAVAWYQQKPGQSPKAMIYLASNRHRGVPDRFTGSGCGTDFTLTISNVQC
EDLADYFCLQHRNYPLTFGGGTKLEIK
;
B
4 'polypeptide(L)'
;EVKLEESGGGLVQPGGSMKLSCAASGFTFSDAWMDWVRQSPEKGLEWVAQIRRKANNHATYYAESVKGRFTISRDDSKSS
VYLQMNSLRAEDTGIYYCIRGMTYAMDFWGQGTSVTVSS
;
A
5 'polypeptide(L)'
;TNLCPFDEVFNATRFASVYAWNRKRISNCVADYSVLYNLAPFFTFKCYGVSPTKLNDLCFTNVYADSFVIRGDEVRQIAP
GQTGNIADYNYKLPDDFTGCVIAWNSNKLDSKVSGNYNYLYRLFRKSNLKPFERDISTEIYQAGNKPCNGVAGFNCYFPL
RSYSFRPTYGVGHQPYRVVVLSFELLHAPATVCG
;
G
6 'polypeptide(L)'
;DIVLTQSPATLSVTPGDNVSLSCRASQIISNNLHWYQQKSHESPRLLIKYASQSISGIPSRFSGSGSGTDFTLSINSVET
EDFGMYFCQQSNTWPLTCGSGTKLELN
;
D
7 'polypeptide(L)'
;QIQLVQSGPELKKPGETVKISCKASGYTFTDYGLNWVKQAPGKGLKWMGWINTYSGEPTYNDEFRGRFAFSLETSTITAY
LKINNLKNEDTATYFCARGGNWDWYFDVWGAGTTVTVSS
;
C
#
loop_
_chem_comp.id
_chem_comp.type
_chem_comp.name
_chem_comp.formula
BMA D-saccharide, beta linking beta-D-mannopyranose 'C6 H12 O6'
NAG D-saccharide, beta linking 2-acetamido-2-deoxy-beta-D-glucopyranose 'C8 H15 N O6'
#
# COMPACT_ATOMS: atom_id res chain seq x y z
N GLN A 1 -2.52 -3.89 -4.79
CA GLN A 1 -2.01 -4.64 -5.94
C GLN A 1 -2.32 -3.91 -7.24
N ILE A 2 -1.30 -3.69 -8.04
CA ILE A 2 -1.43 -2.93 -9.29
C ILE A 2 -1.43 -3.90 -10.47
N VAL A 3 -2.49 -3.84 -11.26
CA VAL A 3 -2.55 -4.54 -12.54
C VAL A 3 -2.84 -3.53 -13.63
N LEU A 4 -1.99 -3.52 -14.65
CA LEU A 4 -2.06 -2.56 -15.74
C LEU A 4 -2.53 -3.28 -16.99
N THR A 5 -3.67 -2.87 -17.51
CA THR A 5 -4.22 -3.49 -18.71
C THR A 5 -4.16 -2.50 -19.87
N GLN A 6 -3.93 -3.02 -21.06
CA GLN A 6 -3.96 -2.23 -22.27
C GLN A 6 -5.07 -2.74 -23.18
N SER A 7 -5.72 -1.83 -23.90
CA SER A 7 -6.94 -2.14 -24.61
C SER A 7 -6.92 -1.55 -26.01
N PRO A 8 -6.95 -2.36 -27.07
CA PRO A 8 -6.69 -3.81 -27.05
C PRO A 8 -5.23 -4.13 -27.36
N ALA A 9 -4.94 -5.38 -27.68
CA ALA A 9 -3.55 -5.80 -27.86
C ALA A 9 -3.06 -5.59 -29.29
N ILE A 10 -3.96 -5.48 -30.26
CA ILE A 10 -3.59 -5.24 -31.65
C ILE A 10 -4.46 -4.12 -32.20
N MET A 11 -3.83 -3.13 -32.80
CA MET A 11 -4.53 -1.93 -33.26
C MET A 11 -4.13 -1.60 -34.68
N SER A 12 -5.12 -1.27 -35.51
CA SER A 12 -4.93 -1.05 -36.94
C SER A 12 -4.80 0.44 -37.21
N ALA A 13 -3.77 0.82 -37.95
CA ALA A 13 -3.58 2.19 -38.39
C ALA A 13 -3.08 2.21 -39.82
N SER A 14 -3.51 3.21 -40.58
CA SER A 14 -3.01 3.44 -41.92
C SER A 14 -2.21 4.73 -41.94
N LEU A 15 -1.51 4.95 -43.05
CA LEU A 15 -0.56 6.06 -43.13
C LEU A 15 -1.30 7.40 -43.24
N GLY A 16 -1.78 7.91 -42.12
CA GLY A 16 -2.63 9.09 -42.11
C GLY A 16 -3.78 8.92 -41.15
N GLU A 17 -3.74 7.85 -40.37
CA GLU A 17 -4.70 7.62 -39.30
C GLU A 17 -4.20 8.30 -38.03
N GLU A 18 -5.12 8.76 -37.19
CA GLU A 18 -4.80 9.11 -35.81
C GLU A 18 -5.26 7.97 -34.92
N ILE A 19 -4.48 7.68 -33.88
CA ILE A 19 -4.68 6.47 -33.11
C ILE A 19 -4.35 6.72 -31.65
N THR A 20 -5.01 5.98 -30.76
CA THR A 20 -4.86 6.14 -29.31
C THR A 20 -4.57 4.79 -28.68
N LEU A 21 -3.46 4.69 -27.95
CA LEU A 21 -3.13 3.51 -27.17
C LEU A 21 -3.43 3.79 -25.70
N THR A 22 -4.35 3.02 -25.13
CA THR A 22 -4.82 3.23 -23.77
C THR A 22 -4.07 2.33 -22.80
N CYS A 23 -3.94 2.81 -21.56
CA CYS A 23 -3.27 2.04 -20.49
C CYS A 23 -3.97 2.40 -19.18
N SER A 24 -4.95 1.58 -18.81
CA SER A 24 -5.75 1.83 -17.63
C SER A 24 -5.14 1.17 -16.40
N VAL A 25 -5.28 1.83 -15.25
CA VAL A 25 -4.68 1.36 -14.00
C VAL A 25 -5.81 1.01 -13.04
N SER A 26 -5.58 -0.01 -12.21
CA SER A 26 -6.59 -0.43 -11.23
C SER A 26 -6.77 0.62 -10.14
N SER A 27 -5.68 1.05 -9.52
CA SER A 27 -5.70 2.10 -8.50
C SER A 27 -5.23 3.40 -9.14
N SER A 28 -4.98 4.41 -8.31
CA SER A 28 -4.55 5.71 -8.79
C SER A 28 -3.05 5.85 -8.67
N VAL A 29 -2.37 6.06 -9.80
CA VAL A 29 -0.94 6.34 -9.84
C VAL A 29 -0.75 7.72 -10.47
N SER A 30 0.39 8.35 -10.15
CA SER A 30 0.62 9.71 -10.61
C SER A 30 1.03 9.75 -12.08
N ASP A 31 2.14 9.14 -12.44
CA ASP A 31 2.65 9.18 -13.80
C ASP A 31 2.58 7.78 -14.42
N MET A 32 3.02 7.69 -15.68
CA MET A 32 2.98 6.46 -16.45
C MET A 32 3.89 6.56 -17.66
N HIS A 33 4.92 5.71 -17.74
CA HIS A 33 5.89 5.79 -18.81
C HIS A 33 5.47 4.88 -19.97
N TRP A 34 6.19 4.99 -21.09
CA TRP A 34 5.95 4.15 -22.25
C TRP A 34 7.28 3.74 -22.87
N TYR A 35 7.30 2.57 -23.51
CA TYR A 35 8.48 2.07 -24.19
C TYR A 35 8.09 1.42 -25.51
N GLN A 36 9.05 1.35 -26.43
CA GLN A 36 8.82 0.76 -27.75
C GLN A 36 9.82 -0.36 -27.97
N GLN A 37 9.32 -1.54 -28.30
CA GLN A 37 10.15 -2.70 -28.63
C GLN A 37 9.91 -3.07 -30.08
N LYS A 38 10.83 -2.72 -30.96
CA LYS A 38 10.87 -3.36 -32.26
C LYS A 38 11.46 -4.75 -32.10
N SER A 39 11.00 -5.69 -32.94
CA SER A 39 11.34 -7.09 -32.76
C SER A 39 12.77 -7.33 -33.20
N GLY A 40 13.54 -8.04 -32.36
CA GLY A 40 14.94 -8.28 -32.61
C GLY A 40 15.88 -7.36 -31.85
N THR A 41 15.38 -6.24 -31.33
CA THR A 41 16.18 -5.28 -30.59
C THR A 41 15.67 -5.20 -29.15
N SER A 42 16.18 -4.29 -28.44
CA SER A 42 15.82 -4.00 -27.07
C SER A 42 14.91 -2.79 -27.00
N PRO A 43 14.01 -2.74 -26.03
CA PRO A 43 13.16 -1.56 -25.87
C PRO A 43 13.94 -0.33 -25.40
N LYS A 44 13.53 0.83 -25.89
CA LYS A 44 14.03 2.13 -25.47
C LYS A 44 12.87 2.96 -24.92
N VAL A 45 13.19 4.13 -24.41
CA VAL A 45 12.20 4.98 -23.74
C VAL A 45 11.62 5.94 -24.78
N PHE A 46 10.32 6.21 -24.66
CA PHE A 46 9.66 7.26 -25.43
C PHE A 46 9.19 8.42 -24.56
N ILE A 47 8.35 8.15 -23.57
CA ILE A 47 7.61 9.20 -22.88
C ILE A 47 7.75 8.96 -21.38
N TYR A 48 8.30 9.93 -20.67
CA TYR A 48 8.39 9.88 -19.22
C TYR A 48 7.55 10.98 -18.60
N SER A 49 6.92 10.66 -17.47
CA SER A 49 5.99 11.52 -16.74
C SER A 49 4.83 11.98 -17.61
N THR A 50 4.37 11.11 -18.51
CA THR A 50 3.13 11.19 -19.30
C THR A 50 3.06 12.31 -20.31
N SER A 51 4.03 13.22 -20.35
CA SER A 51 3.87 14.37 -21.23
C SER A 51 5.12 14.78 -21.99
N ASN A 52 6.31 14.34 -21.59
CA ASN A 52 7.51 14.76 -22.28
C ASN A 52 7.80 13.80 -23.43
N LEU A 53 8.98 13.93 -24.03
CA LEU A 53 9.38 13.07 -25.12
C LEU A 53 10.84 12.70 -24.98
N ALA A 54 11.21 11.55 -25.52
CA ALA A 54 12.61 11.15 -25.45
C ALA A 54 13.42 11.88 -26.51
N SER A 55 14.73 11.86 -26.34
CA SER A 55 15.63 12.54 -27.26
C SER A 55 15.81 11.68 -28.51
N GLY A 56 15.33 12.17 -29.65
CA GLY A 56 15.51 11.48 -30.91
C GLY A 56 14.23 11.00 -31.57
N VAL A 57 13.08 11.17 -30.93
CA VAL A 57 11.82 10.69 -31.51
C VAL A 57 11.15 11.88 -32.19
N PRO A 58 10.32 11.65 -33.21
CA PRO A 58 9.63 12.76 -33.87
C PRO A 58 8.52 13.32 -32.99
N SER A 59 7.99 14.45 -33.45
CA SER A 59 6.92 15.14 -32.73
C SER A 59 5.54 14.72 -33.21
N ARG A 60 5.29 13.42 -33.23
CA ARG A 60 3.96 12.88 -33.53
C ARG A 60 3.36 12.12 -32.36
N PHE A 61 4.16 11.72 -31.37
CA PHE A 61 3.67 11.11 -30.15
C PHE A 61 3.53 12.15 -29.07
N SER A 62 2.37 12.19 -28.43
CA SER A 62 2.17 13.00 -27.24
C SER A 62 1.08 12.35 -26.41
N GLY A 63 1.33 12.21 -25.11
CA GLY A 63 0.40 11.61 -24.19
C GLY A 63 -0.11 12.62 -23.18
N SER A 64 -1.18 12.24 -22.49
CA SER A 64 -1.75 13.06 -21.44
C SER A 64 -2.63 12.18 -20.56
N GLY A 65 -3.17 12.78 -19.50
CA GLY A 65 -4.06 12.10 -18.59
C GLY A 65 -3.45 11.96 -17.22
N SER A 66 -4.33 11.60 -16.28
CA SER A 66 -3.92 11.34 -14.91
C SER A 66 -4.89 10.33 -14.31
N GLY A 67 -4.74 10.09 -13.00
CA GLY A 67 -5.64 9.21 -12.28
C GLY A 67 -5.52 7.75 -12.67
N THR A 68 -6.57 7.22 -13.29
CA THR A 68 -6.64 5.82 -13.67
C THR A 68 -6.79 5.64 -15.18
N PHE A 69 -6.25 6.57 -15.96
CA PHE A 69 -6.28 6.47 -17.41
C PHE A 69 -5.12 7.25 -17.99
N TYR A 70 -4.40 6.62 -18.92
CA TYR A 70 -3.30 7.27 -19.62
C TYR A 70 -3.33 6.82 -21.06
N SER A 71 -3.18 7.75 -21.99
CA SER A 71 -3.39 7.46 -23.40
C SER A 71 -2.29 8.09 -24.24
N LEU A 72 -1.72 7.30 -25.15
CA LEU A 72 -0.71 7.78 -26.08
C LEU A 72 -1.36 7.99 -27.44
N THR A 73 -1.31 9.21 -27.93
CA THR A 73 -1.97 9.60 -29.17
C THR A 73 -0.93 9.87 -30.24
N ILE A 74 -1.05 9.17 -31.37
CA ILE A 74 -0.27 9.47 -32.56
C ILE A 74 -1.17 10.25 -33.51
N SER A 75 -0.72 11.42 -33.95
CA SER A 75 -1.52 12.21 -34.88
C SER A 75 -1.47 11.64 -36.28
N SER A 76 -0.27 11.49 -36.84
CA SER A 76 -0.07 10.95 -38.18
C SER A 76 1.03 9.90 -38.11
N VAL A 77 0.62 8.63 -38.10
CA VAL A 77 1.60 7.54 -38.05
C VAL A 77 2.19 7.34 -39.44
N GLU A 78 3.43 6.87 -39.49
CA GLU A 78 4.05 6.47 -40.75
C GLU A 78 4.66 5.07 -40.57
N ALA A 79 5.44 4.63 -41.57
CA ALA A 79 5.88 3.24 -41.67
C ALA A 79 6.88 2.83 -40.59
N GLU A 80 7.45 3.77 -39.83
CA GLU A 80 8.43 3.41 -38.82
C GLU A 80 7.77 2.83 -37.58
N ASP A 81 6.49 3.10 -37.36
CA ASP A 81 5.85 2.73 -36.10
C ASP A 81 5.03 1.46 -36.29
N ALA A 82 5.73 0.34 -36.30
CA ALA A 82 5.11 -0.98 -36.32
C ALA A 82 5.89 -1.84 -35.32
N ALA A 83 5.50 -1.76 -34.06
CA ALA A 83 6.23 -2.44 -32.98
C ALA A 83 5.29 -2.61 -31.80
N TYR A 84 5.85 -3.04 -30.68
CA TYR A 84 5.09 -3.17 -29.44
C TYR A 84 5.31 -1.93 -28.59
N TYR A 85 4.25 -1.53 -27.87
CA TYR A 85 4.26 -0.31 -27.08
C TYR A 85 3.88 -0.68 -25.65
N TYR A 86 4.88 -0.83 -24.79
CA TYR A 86 4.67 -1.24 -23.42
C TYR A 86 4.46 -0.01 -22.55
N CYS A 87 3.41 -0.01 -21.75
CA CYS A 87 3.22 1.01 -20.73
C CYS A 87 3.62 0.44 -19.38
N HIS A 88 4.26 1.25 -18.57
CA HIS A 88 4.69 0.80 -17.25
C HIS A 88 4.89 2.00 -16.34
N GLN A 89 4.36 1.89 -15.13
CA GLN A 89 4.60 2.87 -14.08
C GLN A 89 5.45 2.20 -13.01
N TRP A 90 6.22 3.03 -12.29
CA TRP A 90 7.14 2.65 -11.22
C TRP A 90 6.57 1.66 -10.18
N SER A 91 5.25 1.61 -10.01
CA SER A 91 4.68 0.96 -8.83
C SER A 91 3.92 -0.32 -9.16
N SER A 92 4.48 -1.21 -9.97
CA SER A 92 3.68 -2.35 -10.41
C SER A 92 4.30 -3.73 -10.19
N TRP A 93 5.64 -3.83 -10.32
CA TRP A 93 6.47 -5.03 -10.51
C TRP A 93 6.27 -5.71 -11.86
N THR A 94 5.33 -5.23 -12.66
CA THR A 94 5.04 -5.84 -13.94
C THR A 94 4.79 -4.74 -14.94
N PHE A 95 4.64 -5.14 -16.20
CA PHE A 95 4.38 -4.17 -17.24
C PHE A 95 2.96 -4.33 -17.73
N GLY A 96 2.58 -3.53 -18.71
CA GLY A 96 1.36 -3.80 -19.42
C GLY A 96 1.52 -5.00 -20.31
N GLY A 97 0.39 -5.53 -20.77
CA GLY A 97 0.42 -6.60 -21.75
C GLY A 97 0.97 -6.15 -23.08
N GLY A 98 0.90 -4.86 -23.36
CA GLY A 98 1.54 -4.30 -24.52
C GLY A 98 0.69 -4.40 -25.75
N THR A 99 0.46 -3.29 -26.42
CA THR A 99 -0.29 -3.32 -27.66
C THR A 99 0.67 -3.37 -28.84
N LYS A 100 0.25 -4.06 -29.89
CA LYS A 100 0.97 -4.06 -31.14
C LYS A 100 0.30 -3.05 -32.06
N LEU A 101 1.10 -2.38 -32.87
CA LEU A 101 0.58 -1.39 -33.79
C LEU A 101 0.89 -1.87 -35.21
N GLU A 102 0.02 -2.71 -35.74
CA GLU A 102 0.17 -3.22 -37.09
C GLU A 102 -0.44 -2.25 -38.09
N ILE A 103 0.20 -2.14 -39.23
CA ILE A 103 -0.19 -1.16 -40.24
C ILE A 103 -1.32 -1.71 -41.08
N LYS A 104 -2.25 -0.84 -41.46
CA LYS A 104 -3.39 -1.24 -42.26
C LYS A 104 -3.01 -1.39 -43.72
N GLU B 1 28.35 8.92 -25.28
CA GLU B 1 27.63 7.70 -25.64
C GLU B 1 27.46 6.79 -24.44
N VAL B 2 26.37 6.03 -24.42
CA VAL B 2 26.07 5.08 -23.36
C VAL B 2 25.68 3.76 -24.00
N MET B 3 26.39 2.69 -23.64
CA MET B 3 26.13 1.37 -24.17
C MET B 3 26.28 0.35 -23.05
N LEU B 4 25.60 -0.77 -23.20
CA LEU B 4 25.64 -1.85 -22.23
C LEU B 4 25.60 -3.17 -22.98
N VAL B 5 26.67 -3.96 -22.85
CA VAL B 5 26.68 -5.32 -23.38
C VAL B 5 26.78 -6.28 -22.19
N GLU B 6 25.99 -7.35 -22.23
CA GLU B 6 25.91 -8.28 -21.12
C GLU B 6 26.46 -9.64 -21.53
N SER B 7 26.91 -10.39 -20.54
CA SER B 7 27.52 -11.69 -20.81
C SER B 7 27.41 -12.56 -19.57
N GLY B 8 27.29 -13.87 -19.81
CA GLY B 8 27.30 -14.86 -18.74
C GLY B 8 26.17 -15.86 -18.77
N GLY B 9 25.13 -15.67 -19.57
CA GLY B 9 24.02 -16.58 -19.56
C GLY B 9 24.10 -17.66 -20.60
N GLY B 10 23.30 -18.70 -20.40
CA GLY B 10 23.30 -19.87 -21.25
C GLY B 10 22.17 -20.83 -20.92
N VAL B 11 22.48 -22.12 -20.90
CA VAL B 11 21.50 -23.16 -20.61
C VAL B 11 21.87 -23.83 -19.29
N VAL B 12 20.86 -24.14 -18.49
CA VAL B 12 21.07 -24.80 -17.20
C VAL B 12 19.84 -25.66 -16.89
N LYS B 13 20.08 -26.87 -16.38
CA LYS B 13 19.03 -27.76 -15.94
C LYS B 13 18.38 -27.19 -14.66
N PRO B 14 17.13 -27.57 -14.37
CA PRO B 14 16.45 -27.03 -13.18
C PRO B 14 17.16 -27.36 -11.87
N GLY B 15 17.27 -26.36 -11.02
CA GLY B 15 17.98 -26.47 -9.77
C GLY B 15 19.37 -25.88 -9.77
N GLY B 16 19.82 -25.32 -10.89
CA GLY B 16 21.16 -24.80 -10.99
C GLY B 16 21.26 -23.33 -10.67
N SER B 17 22.49 -22.83 -10.67
CA SER B 17 22.78 -21.43 -10.38
C SER B 17 23.62 -20.85 -11.49
N LEU B 18 23.48 -19.54 -11.69
CA LEU B 18 24.16 -18.85 -12.77
C LEU B 18 24.53 -17.46 -12.26
N LYS B 19 25.34 -16.74 -13.04
CA LYS B 19 25.75 -15.39 -12.68
C LYS B 19 25.77 -14.51 -13.92
N LEU B 20 24.69 -13.79 -14.15
CA LEU B 20 24.65 -12.83 -15.24
C LEU B 20 25.48 -11.60 -14.88
N SER B 21 26.06 -10.96 -15.89
CA SER B 21 26.88 -9.78 -15.67
C SER B 21 26.47 -8.69 -16.65
N CYS B 22 26.82 -7.46 -16.30
CA CYS B 22 26.43 -6.28 -17.07
C CYS B 22 27.61 -5.32 -17.14
N ALA B 23 28.09 -5.08 -18.35
CA ALA B 23 29.21 -4.17 -18.55
C ALA B 23 28.68 -2.79 -18.90
N ALA B 24 29.08 -1.78 -18.13
CA ALA B 24 28.68 -0.40 -18.36
C ALA B 24 29.83 0.39 -18.98
N SER B 25 29.46 1.36 -19.81
CA SER B 25 30.48 2.14 -20.52
C SER B 25 29.88 3.47 -20.93
N GLY B 26 30.45 4.56 -20.43
CA GLY B 26 30.12 5.89 -20.91
C GLY B 26 29.51 6.84 -19.91
N PHE B 27 29.06 6.39 -18.74
CA PHE B 27 28.49 7.30 -17.76
C PHE B 27 29.16 7.08 -16.41
N SER B 28 28.95 8.03 -15.51
CA SER B 28 29.40 7.87 -14.14
C SER B 28 28.51 6.83 -13.46
N PHE B 29 29.13 5.79 -12.92
CA PHE B 29 28.36 4.65 -12.44
C PHE B 29 27.77 4.87 -11.06
N SER B 30 28.41 5.69 -10.22
CA SER B 30 28.10 5.74 -8.79
C SER B 30 26.94 6.66 -8.46
N THR B 31 26.16 7.11 -9.44
CA THR B 31 25.08 8.05 -9.13
C THR B 31 23.81 7.66 -9.91
N TYR B 32 23.70 6.42 -10.35
CA TYR B 32 22.51 6.02 -11.10
C TYR B 32 22.09 4.61 -10.70
N ALA B 33 20.82 4.45 -10.36
CA ALA B 33 20.27 3.15 -10.03
C ALA B 33 20.10 2.31 -11.27
N MET B 34 20.27 1.00 -11.14
CA MET B 34 20.14 0.07 -12.25
C MET B 34 19.32 -1.13 -11.81
N SER B 35 18.74 -1.83 -12.78
CA SER B 35 17.78 -2.87 -12.46
C SER B 35 17.66 -3.79 -13.67
N TRP B 36 17.21 -5.02 -13.42
CA TRP B 36 17.06 -6.02 -14.48
C TRP B 36 15.60 -6.20 -14.84
N ILE B 37 15.34 -6.38 -16.13
CA ILE B 37 13.99 -6.55 -16.64
C ILE B 37 13.99 -7.75 -17.56
N ARG B 38 13.18 -8.75 -17.25
CA ARG B 38 13.17 -9.98 -18.02
C ARG B 38 12.00 -10.00 -18.99
N GLN B 39 12.11 -10.86 -20.00
CA GLN B 39 11.10 -10.96 -21.05
C GLN B 39 10.89 -12.43 -21.38
N THR B 40 9.84 -13.01 -20.82
CA THR B 40 9.44 -14.37 -21.15
C THR B 40 9.01 -14.44 -22.63
N PRO B 41 9.10 -15.65 -23.25
CA PRO B 41 8.73 -15.77 -24.68
C PRO B 41 7.30 -15.44 -25.08
N GLU B 42 6.43 -15.13 -24.11
CA GLU B 42 5.15 -14.50 -24.42
C GLU B 42 5.27 -12.99 -24.60
N LYS B 43 6.49 -12.45 -24.50
CA LYS B 43 6.83 -11.04 -24.76
C LYS B 43 6.07 -10.09 -23.84
N SER B 44 6.34 -10.22 -22.55
CA SER B 44 5.71 -9.39 -21.52
C SER B 44 6.73 -9.10 -20.44
N LEU B 45 7.14 -7.84 -20.32
CA LEU B 45 8.21 -7.47 -19.41
C LEU B 45 7.73 -7.51 -17.97
N GLU B 46 8.69 -7.58 -17.05
CA GLU B 46 8.46 -7.48 -15.63
C GLU B 46 9.77 -7.16 -14.94
N TRP B 47 9.68 -6.68 -13.70
CA TRP B 47 10.86 -6.51 -12.88
C TRP B 47 11.25 -7.82 -12.21
N VAL B 48 12.55 -7.99 -11.99
CA VAL B 48 13.04 -9.13 -11.24
C VAL B 48 13.97 -8.67 -10.13
N ALA B 49 14.58 -7.51 -10.30
CA ALA B 49 15.51 -6.97 -9.31
C ALA B 49 15.63 -5.48 -9.53
N ALA B 50 15.98 -4.77 -8.47
CA ALA B 50 16.13 -3.32 -8.56
C ALA B 50 17.03 -2.86 -7.43
N ILE B 51 18.12 -2.17 -7.77
CA ILE B 51 19.08 -1.71 -6.79
C ILE B 51 19.07 -0.19 -6.82
N SER B 52 19.50 0.42 -5.71
CA SER B 52 19.55 1.87 -5.59
C SER B 52 20.91 2.37 -6.06
N SER B 53 21.22 3.64 -5.79
CA SER B 53 22.49 4.19 -6.24
C SER B 53 23.65 3.74 -5.39
N GLY B 54 23.54 3.89 -4.06
CA GLY B 54 24.63 3.55 -3.17
C GLY B 54 24.81 2.06 -2.94
N GLY B 55 23.96 1.22 -3.51
CA GLY B 55 24.09 -0.21 -3.35
C GLY B 55 23.55 -0.76 -2.06
N THR B 56 22.88 0.06 -1.26
CA THR B 56 22.35 -0.38 0.03
C THR B 56 20.96 -0.97 -0.08
N ASN B 57 20.09 -0.39 -0.89
CA ASN B 57 18.72 -0.87 -1.05
C ASN B 57 18.65 -1.86 -2.20
N THR B 58 17.94 -2.97 -1.98
CA THR B 58 17.69 -3.96 -3.02
C THR B 58 16.22 -4.36 -2.94
N TYR B 59 15.57 -4.48 -4.10
CA TYR B 59 14.17 -4.87 -4.15
C TYR B 59 13.96 -5.99 -5.16
N TYR B 60 13.21 -7.01 -4.76
CA TYR B 60 12.79 -8.11 -5.61
C TYR B 60 11.30 -8.33 -5.42
N PRO B 61 10.59 -8.74 -6.48
CA PRO B 61 9.15 -9.03 -6.32
C PRO B 61 8.94 -10.30 -5.52
N GLY B 62 7.68 -10.52 -5.15
CA GLY B 62 7.33 -11.62 -4.26
C GLY B 62 7.45 -12.99 -4.88
N SER B 63 7.55 -13.09 -6.20
CA SER B 63 7.65 -14.39 -6.83
C SER B 63 9.06 -14.97 -6.75
N VAL B 64 10.08 -14.12 -6.72
CA VAL B 64 11.46 -14.57 -6.90
C VAL B 64 12.36 -14.18 -5.73
N LYS B 65 11.79 -13.76 -4.60
CA LYS B 65 12.60 -13.22 -3.52
C LYS B 65 13.33 -14.33 -2.77
N GLY B 66 14.56 -14.03 -2.35
CA GLY B 66 15.37 -14.96 -1.62
C GLY B 66 16.23 -15.87 -2.48
N ARG B 67 16.02 -15.87 -3.80
CA ARG B 67 16.84 -16.67 -4.69
C ARG B 67 17.48 -15.88 -5.81
N PHE B 68 17.18 -14.60 -5.95
CA PHE B 68 17.92 -13.70 -6.82
C PHE B 68 18.59 -12.66 -5.93
N THR B 69 19.90 -12.60 -5.96
CA THR B 69 20.64 -11.62 -5.17
C THR B 69 21.40 -10.70 -6.12
N ILE B 70 20.79 -9.56 -6.43
CA ILE B 70 21.46 -8.56 -7.26
C ILE B 70 22.60 -7.94 -6.49
N SER B 71 23.61 -7.46 -7.21
CA SER B 71 24.75 -6.80 -6.59
C SER B 71 25.26 -5.73 -7.54
N ARG B 72 26.28 -5.01 -7.09
CA ARG B 72 26.72 -3.82 -7.81
C ARG B 72 28.13 -3.51 -7.37
N ASP B 73 29.09 -3.60 -8.28
CA ASP B 73 30.49 -3.39 -7.98
C ASP B 73 30.89 -1.97 -8.36
N LYS B 74 31.88 -1.44 -7.65
CA LYS B 74 32.33 -0.09 -7.90
C LYS B 74 33.73 -0.04 -8.53
N ALA B 75 34.64 -0.89 -8.05
CA ALA B 75 36.05 -0.74 -8.35
C ALA B 75 36.37 -1.04 -9.81
N MET B 76 35.62 -1.95 -10.43
CA MET B 76 35.88 -2.29 -11.82
C MET B 76 34.76 -1.83 -12.76
N ASN B 77 33.80 -1.06 -12.26
CA ASN B 77 32.72 -0.43 -13.05
C ASN B 77 31.87 -1.48 -13.79
N THR B 78 31.38 -2.44 -13.03
CA THR B 78 30.56 -3.51 -13.58
C THR B 78 29.26 -3.69 -12.79
N LEU B 79 28.52 -4.76 -13.07
CA LEU B 79 27.27 -5.04 -12.40
C LEU B 79 26.99 -6.54 -12.49
N TYR B 80 26.45 -7.10 -11.40
CA TYR B 80 26.23 -8.53 -11.30
C TYR B 80 24.79 -8.80 -10.86
N LEU B 81 24.17 -9.80 -11.46
CA LEU B 81 23.00 -10.46 -10.90
C LEU B 81 23.23 -11.95 -10.99
N GLN B 82 23.14 -12.65 -9.86
CA GLN B 82 23.36 -14.08 -9.85
C GLN B 82 22.08 -14.81 -9.49
N LEU B 83 21.78 -15.83 -10.27
CA LEU B 83 20.54 -16.58 -10.12
C LEU B 83 20.81 -17.79 -9.25
N SER B 84 19.74 -18.32 -8.68
CA SER B 84 19.81 -19.53 -7.87
C SER B 84 18.42 -20.14 -7.79
N SER B 85 18.40 -21.48 -7.75
CA SER B 85 17.19 -22.29 -7.57
C SER B 85 16.15 -22.00 -8.66
N LEU B 86 16.57 -22.20 -9.91
CA LEU B 86 15.68 -21.93 -11.04
C LEU B 86 14.57 -22.97 -11.13
N ARG B 87 13.37 -22.48 -11.41
CA ARG B 87 12.28 -23.33 -11.85
C ARG B 87 12.21 -23.28 -13.38
N SER B 88 11.13 -23.80 -13.95
CA SER B 88 10.89 -23.65 -15.37
C SER B 88 10.00 -22.46 -15.68
N GLU B 89 10.00 -21.44 -14.83
CA GLU B 89 9.29 -20.19 -15.07
C GLU B 89 10.23 -19.01 -15.26
N ASP B 90 11.55 -19.25 -15.26
CA ASP B 90 12.52 -18.17 -15.36
C ASP B 90 13.25 -18.19 -16.70
N THR B 91 12.76 -18.96 -17.67
CA THR B 91 13.35 -18.98 -19.00
C THR B 91 12.97 -17.71 -19.76
N ALA B 92 13.90 -16.78 -19.87
CA ALA B 92 13.61 -15.48 -20.45
C ALA B 92 14.89 -14.81 -20.91
N MET B 93 14.73 -13.78 -21.73
CA MET B 93 15.82 -12.89 -22.09
C MET B 93 15.89 -11.81 -21.01
N TYR B 94 17.10 -11.51 -20.54
CA TYR B 94 17.28 -10.66 -19.37
C TYR B 94 18.07 -9.41 -19.76
N TYR B 95 17.43 -8.25 -19.65
CA TYR B 95 18.06 -6.98 -20.00
C TYR B 95 18.65 -6.31 -18.78
N CYS B 96 19.83 -5.73 -18.95
CA CYS B 96 20.41 -4.83 -17.96
C CYS B 96 20.00 -3.41 -18.31
N VAL B 97 19.46 -2.68 -17.34
CA VAL B 97 18.71 -1.45 -17.59
C VAL B 97 19.16 -0.38 -16.61
N ARG B 98 19.42 0.83 -17.12
CA ARG B 98 19.85 1.95 -16.31
C ARG B 98 18.70 2.92 -16.10
N HIS B 99 18.46 3.33 -14.84
CA HIS B 99 17.46 4.34 -14.51
C HIS B 99 18.02 5.74 -14.74
N SER B 100 17.37 6.77 -14.22
CA SER B 100 17.84 8.13 -14.48
C SER B 100 18.13 8.95 -13.24
N GLY B 101 17.80 8.48 -12.04
CA GLY B 101 18.10 9.23 -10.84
C GLY B 101 18.90 8.42 -9.84
N ASN B 102 18.98 8.86 -8.61
CA ASN B 102 19.67 8.08 -7.61
C ASN B 102 18.78 7.03 -6.97
N TYR B 103 17.51 6.93 -7.38
CA TYR B 103 16.66 5.87 -6.86
C TYR B 103 16.05 5.13 -8.03
N VAL B 104 15.13 4.22 -7.74
CA VAL B 104 14.43 3.47 -8.79
C VAL B 104 13.22 4.26 -9.25
N ASP B 105 13.10 5.50 -8.77
CA ASP B 105 11.93 6.34 -9.03
C ASP B 105 11.86 6.78 -10.48
N SER B 106 12.99 6.89 -11.16
CA SER B 106 13.02 7.52 -12.47
C SER B 106 12.58 6.55 -13.56
N VAL B 107 12.77 6.95 -14.82
CA VAL B 107 12.34 6.20 -15.99
C VAL B 107 13.55 5.43 -16.52
N MET B 108 13.29 4.34 -17.23
CA MET B 108 14.33 3.42 -17.70
C MET B 108 14.84 3.88 -19.06
N ASP B 109 15.98 4.56 -19.08
CA ASP B 109 16.45 5.22 -20.30
C ASP B 109 17.13 4.28 -21.28
N TYR B 110 18.28 3.75 -20.91
CA TYR B 110 19.16 3.06 -21.83
C TYR B 110 19.24 1.58 -21.46
N TRP B 111 19.06 0.72 -22.45
CA TRP B 111 19.00 -0.71 -22.21
C TRP B 111 20.17 -1.38 -22.92
N GLY B 112 20.38 -2.66 -22.60
CA GLY B 112 21.38 -3.46 -23.27
C GLY B 112 20.76 -4.47 -24.23
N GLN B 113 21.63 -5.20 -24.93
CA GLN B 113 21.17 -6.20 -25.87
C GLN B 113 20.55 -7.39 -25.16
N GLY B 114 20.93 -7.64 -23.92
CA GLY B 114 20.32 -8.69 -23.15
C GLY B 114 20.95 -10.04 -23.41
N THR B 115 20.70 -10.96 -22.48
CA THR B 115 21.27 -12.28 -22.51
C THR B 115 20.13 -13.30 -22.51
N SER B 116 20.32 -14.44 -23.16
CA SER B 116 19.26 -15.42 -23.31
C SER B 116 19.49 -16.60 -22.38
N VAL B 117 18.63 -16.73 -21.37
CA VAL B 117 18.67 -17.83 -20.42
C VAL B 117 17.43 -18.67 -20.60
N THR B 118 17.57 -19.89 -21.13
CA THR B 118 16.45 -20.80 -21.31
C THR B 118 16.75 -22.10 -20.59
N VAL B 119 16.03 -22.36 -19.50
CA VAL B 119 16.17 -23.63 -18.79
C VAL B 119 15.62 -24.75 -19.66
N SER B 120 16.42 -25.80 -19.84
CA SER B 120 16.09 -26.81 -20.84
C SER B 120 16.61 -28.16 -20.40
N SER B 121 16.16 -29.20 -21.11
CA SER B 121 16.52 -30.61 -20.92
C SER B 121 16.33 -31.10 -19.49
N ASP C 1 -42.87 13.25 -7.37
CA ASP C 1 -41.68 13.24 -6.52
C ASP C 1 -40.52 14.02 -7.14
N ILE C 2 -39.31 13.60 -6.79
CA ILE C 2 -38.09 14.26 -7.28
C ILE C 2 -37.87 13.84 -8.72
N VAL C 3 -38.19 14.74 -9.67
CA VAL C 3 -38.03 14.41 -11.08
C VAL C 3 -36.85 15.20 -11.62
N MET C 4 -36.23 14.66 -12.67
CA MET C 4 -35.11 15.28 -13.34
C MET C 4 -35.51 15.60 -14.78
N THR C 5 -35.25 16.83 -15.21
CA THR C 5 -35.59 17.26 -16.56
C THR C 5 -34.32 17.30 -17.40
N GLN C 6 -34.31 16.51 -18.47
CA GLN C 6 -33.19 16.45 -19.41
C GLN C 6 -33.69 17.07 -20.71
N PHE C 7 -33.41 18.37 -20.90
CA PHE C 7 -34.09 19.19 -21.88
C PHE C 7 -33.38 19.25 -23.24
N GLN C 8 -32.38 18.40 -23.47
CA GLN C 8 -31.72 18.32 -24.76
C GLN C 8 -31.49 16.84 -25.06
N LYS C 9 -32.46 16.22 -25.74
CA LYS C 9 -32.36 14.80 -26.07
C LYS C 9 -31.33 14.52 -27.15
N PHE C 10 -30.89 15.54 -27.89
CA PHE C 10 -29.89 15.36 -28.94
C PHE C 10 -28.96 16.56 -28.93
N MET C 11 -27.69 16.30 -28.59
CA MET C 11 -26.63 17.29 -28.70
C MET C 11 -25.70 16.86 -29.82
N SER C 12 -25.31 17.81 -30.67
CA SER C 12 -24.60 17.53 -31.91
C SER C 12 -23.25 18.24 -31.89
N THR C 13 -22.17 17.46 -31.75
CA THR C 13 -20.81 17.97 -31.79
C THR C 13 -19.95 17.04 -32.62
N SER C 14 -18.77 17.51 -32.99
CA SER C 14 -17.78 16.71 -33.69
C SER C 14 -16.48 16.66 -32.89
N VAL C 15 -15.45 16.06 -33.49
CA VAL C 15 -14.23 15.71 -32.78
C VAL C 15 -13.43 16.98 -32.47
N GLY C 16 -12.98 17.10 -31.23
CA GLY C 16 -12.16 18.22 -30.81
C GLY C 16 -12.93 19.38 -30.23
N ASP C 17 -14.25 19.30 -30.19
CA ASP C 17 -15.09 20.36 -29.67
C ASP C 17 -15.20 20.21 -28.15
N ARG C 18 -16.12 20.95 -27.56
CA ARG C 18 -16.44 20.82 -26.14
C ARG C 18 -17.95 20.65 -26.00
N VAL C 19 -18.37 19.62 -25.28
CA VAL C 19 -19.78 19.25 -25.16
C VAL C 19 -20.21 19.49 -23.72
N SER C 20 -21.48 19.85 -23.54
CA SER C 20 -22.03 20.12 -22.21
C SER C 20 -23.39 19.45 -22.10
N ILE C 21 -23.42 18.22 -21.61
CA ILE C 21 -24.67 17.49 -21.42
C ILE C 21 -25.34 18.03 -20.16
N THR C 22 -26.64 18.26 -20.23
CA THR C 22 -27.36 18.98 -19.17
C THR C 22 -28.39 18.08 -18.48
N CYS C 23 -28.71 18.47 -17.25
CA CYS C 23 -29.64 17.71 -16.41
C CYS C 23 -30.21 18.66 -15.36
N LYS C 24 -31.48 19.01 -15.50
CA LYS C 24 -32.16 19.89 -14.56
C LYS C 24 -32.98 19.06 -13.58
N ALA C 25 -32.96 19.48 -12.31
CA ALA C 25 -33.65 18.76 -11.25
C ALA C 25 -34.91 19.50 -10.81
N SER C 26 -35.57 18.96 -9.79
CA SER C 26 -36.79 19.52 -9.23
C SER C 26 -36.50 20.55 -8.15
N GLN C 27 -35.82 20.16 -7.08
CA GLN C 27 -35.46 21.06 -6.00
C GLN C 27 -34.01 20.81 -5.60
N ASN C 28 -33.63 21.37 -4.47
CA ASN C 28 -32.22 21.42 -4.10
C ASN C 28 -31.76 20.10 -3.52
N VAL C 29 -30.93 19.38 -4.28
CA VAL C 29 -30.25 18.19 -3.80
C VAL C 29 -28.79 18.56 -3.59
N ARG C 30 -28.19 18.02 -2.53
CA ARG C 30 -26.92 18.59 -2.05
C ARG C 30 -25.77 18.25 -2.98
N THR C 31 -25.38 16.99 -3.04
CA THR C 31 -24.32 16.55 -3.94
C THR C 31 -24.64 15.17 -4.49
N ALA C 32 -25.83 14.66 -4.20
CA ALA C 32 -26.13 13.25 -4.39
C ALA C 32 -26.61 13.00 -5.82
N VAL C 33 -25.74 13.28 -6.79
CA VAL C 33 -26.08 13.14 -8.21
C VAL C 33 -25.06 12.23 -8.87
N ALA C 34 -25.55 11.24 -9.63
CA ALA C 34 -24.71 10.31 -10.37
C ALA C 34 -24.82 10.58 -11.87
N TRP C 35 -23.86 10.06 -12.62
CA TRP C 35 -23.74 10.30 -14.06
C TRP C 35 -23.34 9.03 -14.77
N TYR C 36 -24.19 8.53 -15.66
CA TYR C 36 -23.96 7.26 -16.32
C TYR C 36 -23.93 7.43 -17.83
N GLN C 37 -23.03 6.70 -18.50
CA GLN C 37 -23.06 6.60 -19.95
C GLN C 37 -23.51 5.21 -20.35
N GLN C 38 -23.93 5.06 -21.61
CA GLN C 38 -24.48 3.78 -22.08
C GLN C 38 -24.13 3.62 -23.55
N LYS C 39 -23.07 2.86 -23.82
CA LYS C 39 -22.69 2.52 -25.18
C LYS C 39 -23.78 1.67 -25.84
N PRO C 40 -24.03 1.84 -27.15
CA PRO C 40 -25.21 1.24 -27.76
C PRO C 40 -25.10 -0.27 -27.89
N GLY C 41 -26.08 -0.96 -27.30
CA GLY C 41 -26.12 -2.40 -27.31
C GLY C 41 -25.55 -3.08 -26.08
N GLN C 42 -25.17 -2.31 -25.06
CA GLN C 42 -24.61 -2.90 -23.85
C GLN C 42 -25.28 -2.33 -22.60
N SER C 43 -24.73 -2.65 -21.46
CA SER C 43 -25.09 -2.19 -20.13
C SER C 43 -24.33 -0.92 -19.78
N PRO C 44 -24.94 -0.03 -18.99
CA PRO C 44 -24.30 1.24 -18.68
C PRO C 44 -23.10 1.09 -17.75
N LYS C 45 -22.37 2.20 -17.62
CA LYS C 45 -21.21 2.29 -16.75
C LYS C 45 -21.37 3.49 -15.83
N ALA C 46 -20.41 3.66 -14.93
CA ALA C 46 -20.40 4.79 -14.01
C ALA C 46 -19.39 5.82 -14.47
N MET C 47 -19.87 6.99 -14.90
CA MET C 47 -18.94 8.05 -15.26
C MET C 47 -18.58 8.91 -14.06
N ILE C 48 -19.57 9.39 -13.32
CA ILE C 48 -19.36 10.28 -12.19
C ILE C 48 -20.33 9.92 -11.07
N TYR C 49 -19.80 9.69 -9.88
CA TYR C 49 -20.58 9.48 -8.68
C TYR C 49 -20.47 10.70 -7.79
N LEU C 50 -21.57 11.04 -7.10
CA LEU C 50 -21.70 12.17 -6.18
C LEU C 50 -21.38 13.51 -6.83
N ALA C 51 -21.53 13.62 -8.15
CA ALA C 51 -21.50 14.86 -8.93
C ALA C 51 -20.21 15.67 -8.87
N SER C 52 -19.19 15.22 -8.15
CA SER C 52 -17.91 15.92 -8.09
C SER C 52 -16.75 15.06 -8.54
N ASN C 53 -16.61 13.85 -8.00
CA ASN C 53 -15.51 12.97 -8.32
C ASN C 53 -15.82 12.17 -9.57
N ARG C 54 -14.79 11.54 -10.14
CA ARG C 54 -14.98 10.66 -11.28
C ARG C 54 -14.46 9.27 -10.95
N HIS C 55 -14.98 8.30 -11.69
CA HIS C 55 -14.82 6.89 -11.37
C HIS C 55 -13.39 6.41 -11.65
N ARG C 56 -13.05 5.28 -11.06
CA ARG C 56 -11.73 4.68 -11.25
C ARG C 56 -11.75 3.80 -12.50
N GLY C 57 -11.19 4.31 -13.59
CA GLY C 57 -11.16 3.60 -14.85
C GLY C 57 -11.81 4.31 -16.02
N VAL C 58 -12.12 5.59 -15.88
CA VAL C 58 -12.68 6.39 -16.97
C VAL C 58 -11.73 7.56 -17.21
N PRO C 59 -11.65 8.12 -18.41
CA PRO C 59 -10.64 9.15 -18.68
C PRO C 59 -10.93 10.46 -17.99
N ASP C 60 -10.01 11.40 -18.15
CA ASP C 60 -10.15 12.73 -17.56
C ASP C 60 -10.78 13.73 -18.52
N ARG C 61 -11.26 13.26 -19.67
CA ARG C 61 -12.10 14.10 -20.50
C ARG C 61 -13.53 14.16 -19.96
N PHE C 62 -13.96 13.12 -19.27
CA PHE C 62 -15.27 13.05 -18.65
C PHE C 62 -15.16 13.70 -17.28
N THR C 63 -15.55 14.97 -17.18
CA THR C 63 -15.54 15.65 -15.90
C THR C 63 -16.79 16.51 -15.75
N GLY C 64 -17.21 16.67 -14.50
CA GLY C 64 -18.44 17.38 -14.22
C GLY C 64 -18.45 17.87 -12.80
N SER C 65 -19.23 18.93 -12.57
CA SER C 65 -19.32 19.55 -11.26
C SER C 65 -20.66 20.29 -11.19
N GLY C 66 -20.86 21.05 -10.13
CA GLY C 66 -22.10 21.75 -9.93
C GLY C 66 -22.75 21.39 -8.61
N CYS C 67 -23.55 22.33 -8.09
CA CYS C 67 -24.34 22.12 -6.89
C CYS C 67 -25.56 23.03 -6.97
N GLY C 68 -26.56 22.71 -6.17
CA GLY C 68 -27.81 23.43 -6.27
C GLY C 68 -28.91 22.58 -6.84
N THR C 69 -29.60 23.13 -7.85
CA THR C 69 -30.72 22.41 -8.45
C THR C 69 -30.45 22.07 -9.92
N ASP C 70 -29.32 22.53 -10.46
CA ASP C 70 -28.99 22.28 -11.84
C ASP C 70 -27.60 21.65 -11.94
N PHE C 71 -27.46 20.67 -12.84
CA PHE C 71 -26.22 19.91 -12.97
C PHE C 71 -25.92 19.69 -14.45
N THR C 72 -24.63 19.47 -14.73
CA THR C 72 -24.20 19.28 -16.10
C THR C 72 -22.86 18.54 -16.10
N LEU C 73 -22.45 18.14 -17.30
CA LEU C 73 -21.27 17.29 -17.50
C LEU C 73 -20.52 17.82 -18.71
N THR C 74 -19.20 17.95 -18.58
CA THR C 74 -18.36 18.57 -19.61
C THR C 74 -17.43 17.52 -20.22
N ILE C 75 -17.44 17.43 -21.54
CA ILE C 75 -16.57 16.52 -22.28
C ILE C 75 -15.62 17.35 -23.12
N SER C 76 -14.31 17.17 -22.90
CA SER C 76 -13.29 17.93 -23.61
C SER C 76 -12.52 17.01 -24.55
N ASN C 77 -12.38 17.44 -25.80
CA ASN C 77 -11.72 16.71 -26.89
C ASN C 77 -12.37 15.33 -27.09
N VAL C 78 -13.64 15.38 -27.50
CA VAL C 78 -14.43 14.17 -27.66
C VAL C 78 -13.90 13.36 -28.85
N GLN C 79 -13.61 12.09 -28.59
CA GLN C 79 -12.96 11.24 -29.57
C GLN C 79 -14.01 10.53 -30.43
N CYS C 80 -13.57 9.54 -31.21
CA CYS C 80 -14.44 8.85 -32.14
C CYS C 80 -15.32 7.80 -31.48
N GLU C 81 -15.04 7.43 -30.22
CA GLU C 81 -15.84 6.42 -29.55
C GLU C 81 -16.34 6.84 -28.17
N ASP C 82 -16.62 8.12 -27.96
CA ASP C 82 -17.40 8.58 -26.83
C ASP C 82 -18.83 8.85 -27.27
N LEU C 83 -19.32 7.99 -28.15
CA LEU C 83 -20.58 8.18 -28.87
C LEU C 83 -21.62 7.26 -28.23
N ALA C 84 -22.45 7.80 -27.35
CA ALA C 84 -23.33 6.97 -26.54
C ALA C 84 -24.47 7.84 -25.98
N ASP C 85 -25.28 7.24 -25.11
CA ASP C 85 -26.33 7.93 -24.37
C ASP C 85 -25.82 8.29 -22.98
N TYR C 86 -26.35 9.37 -22.41
CA TYR C 86 -25.89 9.87 -21.13
C TYR C 86 -27.08 10.11 -20.21
N PHE C 87 -27.00 9.63 -18.98
CA PHE C 87 -28.05 9.82 -18.00
C PHE C 87 -27.49 10.39 -16.70
N CYS C 88 -28.26 11.27 -16.08
CA CYS C 88 -28.02 11.72 -14.73
C CYS C 88 -29.00 11.04 -13.80
N LEU C 89 -28.68 10.99 -12.51
CA LEU C 89 -29.52 10.35 -11.53
C LEU C 89 -29.41 11.09 -10.19
N GLN C 90 -30.53 11.23 -9.51
CA GLN C 90 -30.57 11.71 -8.14
C GLN C 90 -30.78 10.53 -7.20
N HIS C 91 -30.25 10.64 -5.98
CA HIS C 91 -30.61 9.69 -4.94
C HIS C 91 -30.83 10.37 -3.60
N ARG C 92 -31.52 11.50 -3.58
CA ARG C 92 -31.74 12.22 -2.33
C ARG C 92 -32.73 11.48 -1.44
N ASN C 93 -33.96 11.32 -1.91
CA ASN C 93 -34.93 10.48 -1.23
C ASN C 93 -35.09 9.20 -2.02
N TYR C 94 -35.52 8.16 -1.32
CA TYR C 94 -35.66 6.81 -1.85
C TYR C 94 -36.57 6.63 -3.06
N PRO C 95 -37.53 7.52 -3.35
CA PRO C 95 -37.98 7.58 -4.73
C PRO C 95 -36.85 8.08 -5.60
N LEU C 96 -36.21 7.17 -6.32
CA LEU C 96 -35.08 7.47 -7.19
C LEU C 96 -35.54 7.46 -8.63
N THR C 97 -34.92 8.29 -9.45
CA THR C 97 -35.17 8.23 -10.88
C THR C 97 -33.93 8.72 -11.62
N PHE C 98 -33.87 8.35 -12.89
CA PHE C 98 -32.80 8.77 -13.79
C PHE C 98 -33.21 10.07 -14.49
N GLY C 99 -32.46 10.44 -15.51
CA GLY C 99 -32.87 11.50 -16.42
C GLY C 99 -33.78 10.97 -17.49
N GLY C 100 -33.61 11.48 -18.71
CA GLY C 100 -34.38 10.98 -19.83
C GLY C 100 -33.55 10.38 -20.93
N GLY C 101 -32.34 10.92 -21.12
CA GLY C 101 -31.47 10.49 -22.19
C GLY C 101 -30.87 11.64 -22.96
N THR C 102 -29.72 11.40 -23.58
CA THR C 102 -29.06 12.40 -24.42
C THR C 102 -28.22 11.67 -25.45
N LYS C 103 -28.58 11.79 -26.72
CA LYS C 103 -27.92 11.07 -27.79
C LYS C 103 -26.99 11.99 -28.57
N LEU C 104 -25.74 11.60 -28.68
CA LEU C 104 -24.74 12.34 -29.45
C LEU C 104 -24.61 11.72 -30.84
N GLU C 105 -24.29 12.55 -31.82
CA GLU C 105 -23.86 12.04 -33.12
C GLU C 105 -22.94 13.07 -33.78
N ILE C 106 -21.87 12.57 -34.40
CA ILE C 106 -20.88 13.43 -35.03
C ILE C 106 -21.42 13.95 -36.35
N LYS C 107 -21.24 15.25 -36.60
CA LYS C 107 -21.74 15.89 -37.81
C LYS C 107 -21.00 15.43 -39.07
N GLU D 1 -11.73 -10.88 -11.17
CA GLU D 1 -12.56 -9.72 -11.39
C GLU D 1 -14.03 -10.05 -11.11
N VAL D 2 -14.85 -9.02 -10.92
CA VAL D 2 -16.24 -9.18 -10.51
C VAL D 2 -17.14 -9.23 -11.74
N LYS D 3 -17.96 -10.27 -11.81
CA LYS D 3 -18.95 -10.38 -12.87
C LYS D 3 -20.27 -10.79 -12.24
N LEU D 4 -21.36 -10.40 -12.90
CA LEU D 4 -22.70 -10.69 -12.42
C LEU D 4 -23.45 -11.51 -13.45
N GLU D 5 -24.22 -12.47 -12.98
CA GLU D 5 -25.00 -13.35 -13.85
C GLU D 5 -26.47 -13.24 -13.47
N GLU D 6 -27.33 -13.38 -14.47
CA GLU D 6 -28.76 -13.24 -14.31
C GLU D 6 -29.46 -14.09 -15.38
N SER D 7 -30.67 -14.52 -15.06
CA SER D 7 -31.36 -15.50 -15.90
C SER D 7 -32.81 -15.10 -16.09
N GLY D 8 -33.52 -15.91 -16.87
CA GLY D 8 -34.97 -15.84 -16.94
C GLY D 8 -35.55 -14.83 -17.91
N GLY D 9 -35.09 -14.84 -19.16
CA GLY D 9 -35.79 -14.11 -20.19
C GLY D 9 -37.10 -14.80 -20.48
N GLY D 10 -38.23 -14.17 -20.14
CA GLY D 10 -39.47 -14.91 -20.13
C GLY D 10 -40.63 -14.12 -20.71
N LEU D 11 -41.62 -14.88 -21.16
CA LEU D 11 -42.91 -14.38 -21.63
C LEU D 11 -43.98 -14.89 -20.70
N VAL D 12 -44.80 -13.98 -20.17
CA VAL D 12 -45.92 -14.34 -19.31
C VAL D 12 -47.17 -13.65 -19.81
N GLN D 13 -48.30 -14.33 -19.69
CA GLN D 13 -49.60 -13.69 -19.86
C GLN D 13 -49.83 -12.70 -18.72
N PRO D 14 -50.54 -11.58 -18.97
CA PRO D 14 -50.81 -10.62 -17.90
C PRO D 14 -51.62 -11.19 -16.75
N GLY D 15 -50.99 -11.26 -15.58
CA GLY D 15 -51.61 -11.83 -14.39
C GLY D 15 -50.80 -12.98 -13.80
N GLY D 16 -49.53 -13.04 -14.13
CA GLY D 16 -48.65 -14.12 -13.71
C GLY D 16 -47.77 -13.73 -12.54
N SER D 17 -46.54 -14.26 -12.56
CA SER D 17 -45.55 -13.97 -11.53
C SER D 17 -44.17 -14.27 -12.11
N MET D 18 -43.14 -13.71 -11.48
CA MET D 18 -41.80 -13.78 -12.05
C MET D 18 -40.78 -13.49 -10.95
N LYS D 19 -39.87 -14.44 -10.72
CA LYS D 19 -38.78 -14.26 -9.75
C LYS D 19 -37.46 -14.58 -10.42
N LEU D 20 -36.51 -13.64 -10.38
CA LEU D 20 -35.22 -13.84 -11.01
C LEU D 20 -34.08 -13.73 -10.00
N SER D 21 -32.98 -14.39 -10.32
CA SER D 21 -31.83 -14.52 -9.44
C SER D 21 -30.66 -13.70 -9.96
N CYS D 22 -29.68 -13.46 -9.10
CA CYS D 22 -28.45 -12.78 -9.47
C CYS D 22 -27.31 -13.39 -8.66
N ALA D 23 -26.61 -14.35 -9.26
CA ALA D 23 -25.40 -14.91 -8.67
C ALA D 23 -24.23 -14.00 -9.00
N ALA D 24 -23.36 -13.77 -8.03
CA ALA D 24 -22.22 -12.89 -8.19
C ALA D 24 -20.93 -13.66 -8.03
N SER D 25 -19.82 -12.96 -8.20
CA SER D 25 -18.50 -13.55 -8.04
C SER D 25 -17.48 -12.44 -7.79
N GLY D 26 -16.34 -12.84 -7.25
CA GLY D 26 -15.15 -12.00 -7.24
C GLY D 26 -15.07 -10.95 -6.16
N PHE D 27 -16.08 -10.82 -5.30
CA PHE D 27 -16.06 -9.78 -4.29
C PHE D 27 -16.82 -10.26 -3.06
N THR D 28 -16.68 -9.50 -1.98
CA THR D 28 -17.35 -9.84 -0.72
C THR D 28 -18.84 -9.50 -0.83
N PHE D 29 -19.67 -10.55 -0.90
CA PHE D 29 -21.11 -10.39 -1.07
C PHE D 29 -21.79 -9.83 0.17
N SER D 30 -21.18 -9.99 1.35
CA SER D 30 -21.89 -9.69 2.59
C SER D 30 -21.97 -8.20 2.89
N ASP D 31 -21.31 -7.36 2.09
CA ASP D 31 -21.42 -5.90 2.25
C ASP D 31 -21.49 -5.22 0.88
N ALA D 32 -22.71 -5.05 0.37
CA ALA D 32 -22.97 -4.42 -0.91
C ALA D 32 -24.44 -4.08 -1.02
N TRP D 33 -24.74 -2.87 -1.48
CA TRP D 33 -26.12 -2.43 -1.62
C TRP D 33 -26.58 -2.77 -3.04
N MET D 34 -26.79 -4.05 -3.29
CA MET D 34 -27.13 -4.52 -4.63
C MET D 34 -28.55 -4.11 -4.99
N ASP D 35 -28.69 -3.27 -6.01
CA ASP D 35 -29.96 -2.66 -6.37
C ASP D 35 -30.45 -3.21 -7.72
N TRP D 36 -31.53 -2.62 -8.22
CA TRP D 36 -32.19 -3.10 -9.42
C TRP D 36 -32.82 -1.93 -10.17
N VAL D 37 -32.62 -1.86 -11.49
CA VAL D 37 -33.23 -0.83 -12.32
C VAL D 37 -33.83 -1.46 -13.57
N ARG D 38 -34.60 -0.65 -14.31
CA ARG D 38 -35.41 -1.09 -15.43
C ARG D 38 -35.14 -0.21 -16.63
N GLN D 39 -34.97 -0.82 -17.80
CA GLN D 39 -34.90 -0.07 -19.05
C GLN D 39 -36.13 -0.34 -19.89
N SER D 40 -36.76 0.73 -20.36
CA SER D 40 -37.78 0.63 -21.38
C SER D 40 -37.72 1.87 -22.26
N PRO D 41 -37.98 1.73 -23.57
CA PRO D 41 -37.88 2.89 -24.48
C PRO D 41 -38.94 3.94 -24.24
N GLU D 42 -40.05 3.60 -23.57
CA GLU D 42 -41.07 4.58 -23.27
C GLU D 42 -40.81 5.33 -21.97
N LYS D 43 -39.92 4.81 -21.12
CA LYS D 43 -39.73 5.35 -19.79
C LYS D 43 -38.33 5.91 -19.54
N GLY D 44 -37.40 5.69 -20.46
CA GLY D 44 -36.02 6.03 -20.15
C GLY D 44 -35.43 4.95 -19.26
N LEU D 45 -35.01 5.34 -18.06
CA LEU D 45 -34.59 4.40 -17.04
C LEU D 45 -35.33 4.68 -15.74
N GLU D 46 -35.95 3.65 -15.18
CA GLU D 46 -36.59 3.73 -13.88
C GLU D 46 -35.83 2.92 -12.84
N TRP D 47 -36.08 3.24 -11.58
CA TRP D 47 -35.52 2.56 -10.43
C TRP D 47 -36.57 1.60 -9.88
N VAL D 48 -36.17 0.37 -9.57
CA VAL D 48 -37.14 -0.65 -9.20
C VAL D 48 -37.13 -0.92 -7.70
N ALA D 49 -36.02 -1.41 -7.17
CA ALA D 49 -35.99 -1.92 -5.81
C ALA D 49 -34.56 -1.91 -5.29
N GLN D 50 -34.37 -2.52 -4.11
CA GLN D 50 -33.12 -2.44 -3.35
C GLN D 50 -33.18 -3.45 -2.22
N ILE D 51 -32.05 -4.08 -1.92
CA ILE D 51 -31.81 -4.68 -0.61
C ILE D 51 -30.41 -4.27 -0.15
N ARG D 52 -30.33 -3.78 1.08
CA ARG D 52 -29.13 -3.09 1.57
C ARG D 52 -28.20 -4.10 2.24
N ARG D 53 -27.25 -3.59 3.03
CA ARG D 53 -26.15 -4.34 3.62
C ARG D 53 -26.63 -5.33 4.67
N LYS D 54 -25.69 -6.16 5.12
CA LYS D 54 -25.98 -7.11 6.20
C LYS D 54 -26.14 -6.40 7.54
N ALA D 55 -25.34 -5.36 7.79
CA ALA D 55 -25.36 -4.71 9.09
C ALA D 55 -26.59 -3.85 9.29
N ASN D 56 -27.31 -3.48 8.23
CA ASN D 56 -28.53 -2.68 8.34
C ASN D 56 -29.78 -3.52 8.15
N ASN D 57 -29.76 -4.75 8.67
CA ASN D 57 -30.92 -5.63 8.84
C ASN D 57 -31.57 -6.05 7.52
N HIS D 58 -30.80 -5.97 6.43
CA HIS D 58 -31.30 -6.09 5.06
C HIS D 58 -32.49 -5.16 4.83
N ALA D 59 -32.22 -3.86 5.03
CA ALA D 59 -33.23 -2.83 4.88
C ALA D 59 -33.70 -2.76 3.45
N THR D 60 -35.01 -2.74 3.26
CA THR D 60 -35.62 -2.94 1.96
C THR D 60 -36.39 -1.70 1.55
N TYR D 61 -36.28 -1.31 0.28
CA TYR D 61 -37.04 -0.18 -0.25
C TYR D 61 -37.44 -0.48 -1.68
N TYR D 62 -38.69 -0.15 -2.02
CA TYR D 62 -39.21 -0.36 -3.36
C TYR D 62 -39.63 0.95 -3.99
N ALA D 63 -39.84 0.92 -5.30
CA ALA D 63 -40.47 2.02 -5.99
C ALA D 63 -41.97 1.98 -5.74
N GLU D 64 -42.56 3.16 -5.58
CA GLU D 64 -43.97 3.28 -5.20
C GLU D 64 -44.93 2.85 -6.31
N SER D 65 -44.46 2.72 -7.55
CA SER D 65 -45.33 2.28 -8.63
C SER D 65 -45.62 0.79 -8.58
N VAL D 66 -44.82 0.00 -7.88
CA VAL D 66 -44.98 -1.45 -7.86
C VAL D 66 -45.08 -1.98 -6.43
N LYS D 67 -45.59 -1.16 -5.52
CA LYS D 67 -45.67 -1.55 -4.11
C LYS D 67 -46.68 -2.66 -3.90
N GLY D 68 -46.26 -3.71 -3.19
CA GLY D 68 -47.08 -4.87 -2.91
C GLY D 68 -46.94 -5.99 -3.92
N ARG D 69 -46.92 -5.65 -5.21
CA ARG D 69 -46.81 -6.64 -6.27
C ARG D 69 -45.43 -7.28 -6.34
N PHE D 70 -44.42 -6.68 -5.74
CA PHE D 70 -43.05 -7.14 -5.84
C PHE D 70 -42.59 -7.60 -4.47
N THR D 71 -41.46 -8.29 -4.43
CA THR D 71 -40.71 -8.48 -3.19
C THR D 71 -39.25 -8.75 -3.54
N ILE D 72 -38.39 -8.60 -2.55
CA ILE D 72 -36.96 -8.88 -2.70
C ILE D 72 -36.53 -9.76 -1.53
N SER D 73 -35.46 -10.51 -1.74
CA SER D 73 -34.84 -11.32 -0.70
C SER D 73 -33.44 -11.70 -1.18
N ARG D 74 -32.43 -11.38 -0.39
CA ARG D 74 -31.07 -11.82 -0.66
C ARG D 74 -30.70 -12.96 0.27
N ASP D 75 -29.61 -13.64 -0.08
CA ASP D 75 -29.04 -14.66 0.80
C ASP D 75 -27.54 -14.65 0.61
N ASP D 76 -26.81 -14.38 1.70
CA ASP D 76 -25.37 -14.25 1.62
C ASP D 76 -24.66 -15.59 1.55
N SER D 77 -25.36 -16.70 1.78
CA SER D 77 -24.74 -18.02 1.73
C SER D 77 -24.43 -18.42 0.30
N LYS D 78 -25.45 -18.39 -0.57
CA LYS D 78 -25.29 -18.80 -1.96
C LYS D 78 -24.83 -17.64 -2.84
N SER D 79 -24.51 -16.49 -2.25
CA SER D 79 -24.03 -15.29 -2.95
C SER D 79 -25.03 -14.83 -4.00
N SER D 80 -26.30 -14.75 -3.61
CA SER D 80 -27.38 -14.52 -4.55
C SER D 80 -28.28 -13.40 -4.06
N VAL D 81 -28.98 -12.78 -5.02
CA VAL D 81 -30.03 -11.82 -4.75
C VAL D 81 -31.22 -12.20 -5.63
N TYR D 82 -32.36 -12.44 -5.01
CA TYR D 82 -33.58 -12.78 -5.72
C TYR D 82 -34.55 -11.61 -5.65
N LEU D 83 -35.22 -11.34 -6.77
CA LEU D 83 -36.28 -10.34 -6.82
C LEU D 83 -37.50 -10.99 -7.45
N GLN D 84 -38.60 -11.02 -6.70
CA GLN D 84 -39.83 -11.67 -7.12
C GLN D 84 -40.90 -10.62 -7.38
N MET D 85 -41.61 -10.75 -8.49
CA MET D 85 -42.69 -9.85 -8.88
C MET D 85 -43.94 -10.68 -9.17
N ASN D 86 -45.09 -10.17 -8.75
CA ASN D 86 -46.35 -10.89 -8.91
C ASN D 86 -47.40 -10.00 -9.57
N SER D 87 -48.30 -10.65 -10.31
CA SER D 87 -49.53 -10.05 -10.86
C SER D 87 -49.23 -8.87 -11.79
N LEU D 88 -48.37 -9.10 -12.77
CA LEU D 88 -47.86 -8.02 -13.58
C LEU D 88 -48.86 -7.62 -14.65
N ARG D 89 -48.61 -6.44 -15.23
CA ARG D 89 -49.40 -5.91 -16.33
C ARG D 89 -48.47 -5.55 -17.48
N ALA D 90 -48.97 -4.80 -18.45
CA ALA D 90 -48.12 -4.34 -19.55
C ALA D 90 -47.17 -3.22 -19.16
N GLU D 91 -47.29 -2.68 -17.94
CA GLU D 91 -46.44 -1.56 -17.52
C GLU D 91 -45.03 -2.02 -17.23
N ASP D 92 -44.85 -3.21 -16.66
CA ASP D 92 -43.55 -3.66 -16.17
C ASP D 92 -42.72 -4.35 -17.25
N THR D 93 -43.01 -4.10 -18.51
CA THR D 93 -42.23 -4.68 -19.60
C THR D 93 -40.88 -3.97 -19.73
N GLY D 94 -39.83 -4.75 -19.94
CA GLY D 94 -38.54 -4.17 -20.27
C GLY D 94 -37.41 -4.96 -19.64
N ILE D 95 -36.19 -4.56 -20.00
CA ILE D 95 -34.98 -5.23 -19.55
C ILE D 95 -34.68 -4.79 -18.13
N TYR D 96 -34.34 -5.75 -17.27
CA TYR D 96 -34.01 -5.48 -15.88
C TYR D 96 -32.52 -5.73 -15.68
N TYR D 97 -31.77 -4.68 -15.38
CA TYR D 97 -30.36 -4.83 -15.07
C TYR D 97 -30.20 -5.21 -13.61
N CYS D 98 -29.00 -5.67 -13.27
CA CYS D 98 -28.71 -6.18 -11.93
C CYS D 98 -27.43 -5.50 -11.46
N ILE D 99 -27.50 -4.84 -10.31
CA ILE D 99 -26.51 -3.84 -9.93
C ILE D 99 -25.69 -4.40 -8.78
N ARG D 100 -24.38 -4.12 -8.79
CA ARG D 100 -23.61 -4.37 -7.58
C ARG D 100 -23.81 -3.25 -6.57
N GLY D 101 -23.69 -2.03 -7.03
CA GLY D 101 -23.94 -0.89 -6.16
C GLY D 101 -24.23 0.32 -7.01
N MET D 102 -25.05 1.22 -6.47
CA MET D 102 -25.34 2.48 -7.13
C MET D 102 -24.70 3.62 -6.37
N THR D 103 -24.18 4.60 -7.12
CA THR D 103 -23.81 5.93 -6.62
C THR D 103 -22.73 5.89 -5.54
N TYR D 104 -21.74 5.05 -5.73
CA TYR D 104 -20.45 5.14 -5.06
C TYR D 104 -19.45 4.41 -5.95
N ALA D 105 -18.29 4.07 -5.39
CA ALA D 105 -17.37 3.21 -6.10
C ALA D 105 -17.92 1.78 -6.13
N MET D 106 -17.17 0.90 -6.81
CA MET D 106 -17.55 -0.50 -7.05
C MET D 106 -18.89 -0.59 -7.77
N ASP D 107 -19.07 0.27 -8.78
CA ASP D 107 -20.36 0.43 -9.44
C ASP D 107 -20.45 -0.47 -10.68
N PHE D 108 -20.28 -1.75 -10.47
CA PHE D 108 -20.34 -2.71 -11.58
C PHE D 108 -21.78 -3.08 -11.90
N TRP D 109 -22.07 -3.21 -13.19
CA TRP D 109 -23.41 -3.50 -13.67
C TRP D 109 -23.42 -4.84 -14.39
N GLY D 110 -24.61 -5.45 -14.42
CA GLY D 110 -24.77 -6.73 -15.07
C GLY D 110 -24.92 -6.62 -16.56
N GLN D 111 -25.85 -7.38 -17.15
CA GLN D 111 -26.10 -7.31 -18.58
C GLN D 111 -27.56 -7.32 -18.96
N GLY D 112 -28.48 -7.33 -18.00
CA GLY D 112 -29.90 -7.30 -18.29
C GLY D 112 -30.45 -8.64 -18.71
N THR D 113 -31.75 -8.80 -18.47
CA THR D 113 -32.50 -9.97 -18.94
C THR D 113 -33.74 -9.48 -19.68
N SER D 114 -34.01 -10.09 -20.82
CA SER D 114 -35.12 -9.66 -21.67
C SER D 114 -36.41 -10.16 -21.06
N VAL D 115 -36.99 -9.37 -20.15
CA VAL D 115 -38.22 -9.72 -19.45
C VAL D 115 -39.35 -8.94 -20.10
N THR D 116 -40.39 -9.66 -20.53
CA THR D 116 -41.52 -9.05 -21.21
C THR D 116 -42.81 -9.65 -20.68
N VAL D 117 -43.93 -9.18 -21.23
CA VAL D 117 -45.25 -9.68 -20.88
C VAL D 117 -46.03 -9.84 -22.18
N SER D 118 -47.09 -10.64 -22.12
CA SER D 118 -47.97 -10.81 -23.28
C SER D 118 -48.97 -9.67 -23.39
N THR E 1 24.29 21.48 26.42
CA THR E 1 24.81 20.59 25.39
C THR E 1 23.83 19.46 25.12
N ASN E 2 22.56 19.70 25.45
CA ASN E 2 21.50 18.72 25.27
C ASN E 2 21.14 18.59 23.79
N LEU E 3 21.59 17.51 23.16
CA LEU E 3 21.26 17.25 21.77
C LEU E 3 19.77 16.94 21.66
N CYS E 4 19.06 17.70 20.83
CA CYS E 4 17.61 17.61 20.91
C CYS E 4 17.10 16.38 20.18
N PRO E 5 15.98 15.80 20.64
CA PRO E 5 15.63 14.44 20.21
C PRO E 5 15.15 14.30 18.78
N PHE E 6 16.10 14.20 17.84
CA PHE E 6 15.78 13.58 16.56
C PHE E 6 15.62 12.07 16.70
N ASP E 7 16.25 11.47 17.72
CA ASP E 7 16.16 10.03 17.90
C ASP E 7 14.78 9.60 18.37
N GLU E 8 14.03 10.49 19.02
CA GLU E 8 12.66 10.16 19.37
C GLU E 8 11.72 10.17 18.19
N VAL E 9 12.14 10.74 17.05
CA VAL E 9 11.25 10.93 15.91
C VAL E 9 11.79 10.30 14.64
N PHE E 10 13.06 9.89 14.59
CA PHE E 10 13.59 9.28 13.37
C PHE E 10 13.54 7.76 13.40
N ASN E 11 14.25 7.13 14.32
CA ASN E 11 14.25 5.67 14.37
C ASN E 11 13.24 5.15 15.38
N ALA E 12 12.00 5.59 15.29
CA ALA E 12 10.95 5.13 16.19
C ALA E 12 10.24 3.93 15.60
N THR E 13 9.43 3.27 16.42
CA THR E 13 8.84 2.00 16.01
C THR E 13 7.56 2.21 15.18
N ARG E 14 6.54 2.81 15.78
CA ARG E 14 5.23 2.91 15.16
C ARG E 14 4.94 4.37 14.84
N PHE E 15 5.27 4.80 13.63
CA PHE E 15 4.80 6.09 13.15
C PHE E 15 3.28 6.06 12.99
N ALA E 16 2.65 7.18 13.32
CA ALA E 16 1.20 7.24 13.24
C ALA E 16 0.75 7.33 11.79
N SER E 17 -0.54 7.11 11.57
CA SER E 17 -1.04 7.15 10.21
C SER E 17 -1.19 8.60 9.76
N VAL E 18 -1.55 8.78 8.48
CA VAL E 18 -1.46 10.10 7.90
C VAL E 18 -2.67 10.98 8.27
N TYR E 19 -3.80 10.39 8.63
CA TYR E 19 -4.96 11.22 8.98
C TYR E 19 -4.81 11.84 10.35
N ALA E 20 -4.04 11.21 11.24
CA ALA E 20 -3.69 11.81 12.54
C ALA E 20 -2.18 11.75 12.64
N TRP E 21 -1.54 12.75 12.07
CA TRP E 21 -0.08 12.83 12.09
C TRP E 21 0.38 13.54 13.35
N ASN E 22 1.22 12.88 14.13
CA ASN E 22 1.70 13.49 15.36
C ASN E 22 2.70 14.59 15.04
N ARG E 23 2.69 15.63 15.87
CA ARG E 23 3.49 16.83 15.63
C ARG E 23 4.36 17.08 16.85
N LYS E 24 5.62 16.70 16.77
CA LYS E 24 6.55 16.94 17.86
C LYS E 24 7.13 18.34 17.75
N ARG E 25 7.12 19.09 18.84
CA ARG E 25 7.68 20.44 18.86
C ARG E 25 9.09 20.36 19.44
N ILE E 26 10.09 20.46 18.57
CA ILE E 26 11.48 20.42 19.00
C ILE E 26 11.89 21.84 19.35
N SER E 27 12.52 22.01 20.51
CA SER E 27 13.00 23.31 20.97
C SER E 27 14.12 23.09 21.97
N ASN E 28 14.86 24.17 22.22
CA ASN E 28 16.04 24.20 23.10
C ASN E 28 17.05 23.13 22.69
N CYS E 29 17.54 23.31 21.47
CA CYS E 29 18.50 22.40 20.87
C CYS E 29 19.92 22.87 21.05
N VAL E 30 20.82 21.93 20.83
CA VAL E 30 22.04 22.18 20.07
C VAL E 30 22.02 21.13 18.97
N ALA E 31 21.25 21.41 17.92
CA ALA E 31 20.87 20.39 16.97
C ALA E 31 22.04 20.03 16.06
N ASP E 32 22.26 18.74 15.90
CA ASP E 32 23.36 18.22 15.09
C ASP E 32 22.75 17.53 13.88
N TYR E 33 22.76 18.21 12.75
CA TYR E 33 22.27 17.63 11.50
C TYR E 33 23.29 16.73 10.82
N SER E 34 24.45 16.51 11.45
CA SER E 34 25.43 15.56 10.96
C SER E 34 25.07 14.13 11.28
N VAL E 35 23.99 13.89 12.02
CA VAL E 35 23.66 12.52 12.39
C VAL E 35 22.67 11.92 11.39
N LEU E 36 21.85 12.75 10.72
CA LEU E 36 20.95 12.21 9.71
C LEU E 36 21.47 12.40 8.30
N TYR E 37 22.51 13.21 8.11
CA TYR E 37 23.02 13.43 6.76
C TYR E 37 23.79 12.22 6.25
N ASN E 38 24.46 11.49 7.14
CA ASN E 38 25.26 10.34 6.76
C ASN E 38 24.36 9.11 6.64
N LEU E 39 23.58 9.10 5.56
CA LEU E 39 22.72 7.97 5.23
C LEU E 39 22.53 7.89 3.72
N ALA E 40 22.87 6.74 3.15
CA ALA E 40 22.55 6.43 1.76
C ALA E 40 21.05 6.37 1.45
N PRO E 41 20.20 5.57 2.17
CA PRO E 41 18.95 5.12 1.53
C PRO E 41 17.80 6.11 1.50
N PHE E 42 18.07 7.40 1.66
CA PHE E 42 17.01 8.40 1.64
C PHE E 42 16.46 8.54 0.22
N PHE E 43 15.17 8.25 0.07
CA PHE E 43 14.49 8.36 -1.22
C PHE E 43 14.43 9.80 -1.69
N THR E 44 14.04 10.71 -0.81
CA THR E 44 14.05 12.14 -1.12
C THR E 44 14.65 12.90 0.04
N PHE E 45 15.43 13.92 -0.28
CA PHE E 45 16.01 14.80 0.71
C PHE E 45 15.93 16.23 0.23
N LYS E 46 14.80 16.59 -0.39
CA LYS E 46 14.62 17.93 -0.90
C LYS E 46 14.45 18.90 0.25
N CYS E 47 15.02 20.09 0.10
CA CYS E 47 14.82 21.17 1.06
C CYS E 47 14.39 22.42 0.31
N TYR E 48 13.66 23.28 1.00
CA TYR E 48 13.23 24.57 0.47
C TYR E 48 13.55 25.64 1.49
N GLY E 49 14.00 26.80 1.00
CA GLY E 49 14.32 27.92 1.84
C GLY E 49 15.73 27.92 2.38
N VAL E 50 16.37 26.76 2.50
CA VAL E 50 17.74 26.67 2.97
C VAL E 50 18.41 25.53 2.20
N SER E 51 19.67 25.76 1.80
CA SER E 51 20.44 24.71 1.15
C SER E 51 20.80 23.64 2.17
N PRO E 52 20.61 22.37 1.83
CA PRO E 52 20.69 21.30 2.85
C PRO E 52 22.09 21.02 3.36
N THR E 53 23.12 21.53 2.69
CA THR E 53 24.48 21.17 3.06
C THR E 53 24.97 21.97 4.25
N LYS E 54 24.53 23.22 4.38
CA LYS E 54 25.07 24.14 5.37
C LYS E 54 24.07 24.43 6.49
N LEU E 55 23.33 23.41 6.92
CA LEU E 55 22.27 23.57 7.91
C LEU E 55 22.77 23.88 9.31
N ASN E 56 24.08 23.82 9.55
CA ASN E 56 24.59 23.93 10.91
C ASN E 56 24.46 25.34 11.44
N ASP E 57 25.08 26.31 10.78
CA ASP E 57 25.11 27.67 11.31
C ASP E 57 23.97 28.55 10.77
N LEU E 58 22.73 28.04 10.87
CA LEU E 58 21.53 28.79 10.51
C LEU E 58 20.57 28.75 11.69
N CYS E 59 20.63 29.76 12.54
CA CYS E 59 19.89 29.74 13.80
C CYS E 59 18.41 30.03 13.55
N PHE E 60 17.55 29.10 13.95
CA PHE E 60 16.11 29.27 13.93
C PHE E 60 15.62 29.58 15.35
N THR E 61 14.30 29.55 15.52
CA THR E 61 13.69 29.71 16.82
C THR E 61 12.78 28.56 17.19
N ASN E 62 12.09 27.96 16.23
CA ASN E 62 11.36 26.72 16.48
C ASN E 62 11.53 25.80 15.28
N VAL E 63 11.63 24.50 15.52
CA VAL E 63 11.79 23.51 14.47
C VAL E 63 10.74 22.42 14.66
N TYR E 64 9.60 22.59 14.02
CA TYR E 64 8.56 21.58 14.08
C TYR E 64 8.96 20.38 13.22
N ALA E 65 8.55 19.19 13.65
CA ALA E 65 8.89 17.95 12.96
C ALA E 65 7.67 17.04 12.98
N ASP E 66 7.18 16.70 11.80
CA ASP E 66 6.00 15.85 11.68
C ASP E 66 6.41 14.46 11.24
N SER E 67 5.43 13.55 11.17
CA SER E 67 5.70 12.18 10.77
C SER E 67 4.40 11.53 10.35
N PHE E 68 4.46 10.68 9.33
CA PHE E 68 3.34 9.83 8.94
C PHE E 68 3.87 8.68 8.08
N VAL E 69 2.96 7.91 7.51
CA VAL E 69 3.29 6.76 6.67
C VAL E 69 2.37 6.78 5.46
N ILE E 70 2.95 6.88 4.26
CA ILE E 70 2.20 6.99 3.02
C ILE E 70 2.74 5.99 2.02
N ARG E 71 2.08 5.91 0.87
CA ARG E 71 2.56 5.07 -0.21
C ARG E 71 3.82 5.66 -0.80
N GLY E 72 4.54 4.83 -1.56
CA GLY E 72 5.77 5.30 -2.17
C GLY E 72 5.52 6.29 -3.30
N ASP E 73 4.38 6.17 -3.97
CA ASP E 73 4.06 7.08 -5.06
C ASP E 73 3.72 8.47 -4.54
N GLU E 74 2.97 8.55 -3.45
CA GLU E 74 2.45 9.83 -2.99
C GLU E 74 3.44 10.63 -2.17
N VAL E 75 4.74 10.32 -2.23
CA VAL E 75 5.74 11.20 -1.63
C VAL E 75 5.95 12.41 -2.54
N ARG E 76 5.53 12.30 -3.80
CA ARG E 76 5.47 13.40 -4.76
C ARG E 76 4.57 14.53 -4.27
N GLN E 77 3.51 14.20 -3.55
CA GLN E 77 2.56 15.20 -3.14
C GLN E 77 2.97 15.95 -1.89
N ILE E 78 3.96 15.47 -1.14
CA ILE E 78 4.45 16.25 -0.01
C ILE E 78 5.46 17.24 -0.56
N ALA E 79 4.96 18.38 -1.04
CA ALA E 79 5.73 19.39 -1.75
C ALA E 79 4.88 20.65 -1.85
N PRO E 80 5.48 21.83 -1.90
CA PRO E 80 4.68 23.05 -2.01
C PRO E 80 4.03 23.21 -3.38
N GLY E 81 2.70 23.09 -3.45
CA GLY E 81 1.94 23.41 -4.64
C GLY E 81 1.14 22.24 -5.20
N GLN E 82 1.69 21.03 -5.13
CA GLN E 82 1.03 19.88 -5.71
C GLN E 82 -0.18 19.47 -4.87
N THR E 83 -1.22 19.02 -5.56
CA THR E 83 -2.46 18.59 -4.92
C THR E 83 -2.81 17.17 -5.36
N GLY E 84 -3.71 16.56 -4.61
CA GLY E 84 -4.11 15.18 -4.90
C GLY E 84 -4.92 14.61 -3.75
N ASN E 85 -4.51 13.44 -3.29
CA ASN E 85 -5.23 12.78 -2.20
C ASN E 85 -4.59 13.07 -0.85
N ILE E 86 -3.28 13.23 -0.81
CA ILE E 86 -2.60 13.37 0.47
C ILE E 86 -2.42 14.83 0.85
N ALA E 87 -2.03 15.69 -0.09
CA ALA E 87 -1.84 17.10 0.24
C ALA E 87 -3.13 17.90 0.23
N ASP E 88 -4.26 17.30 -0.14
CA ASP E 88 -5.52 18.04 -0.04
C ASP E 88 -6.31 17.69 1.20
N TYR E 89 -6.34 16.42 1.59
CA TYR E 89 -7.22 15.99 2.66
C TYR E 89 -6.50 15.49 3.91
N ASN E 90 -5.19 15.32 3.86
CA ASN E 90 -4.48 14.74 5.00
C ASN E 90 -3.41 15.64 5.57
N TYR E 91 -2.54 16.19 4.73
CA TYR E 91 -1.39 16.94 5.23
C TYR E 91 -0.95 17.94 4.16
N LYS E 92 -1.23 19.22 4.39
CA LYS E 92 -0.99 20.25 3.38
C LYS E 92 0.08 21.21 3.89
N LEU E 93 1.07 21.50 3.04
CA LEU E 93 2.16 22.43 3.19
C LEU E 93 1.81 23.77 2.55
N PRO E 94 2.21 24.89 3.12
CA PRO E 94 1.97 26.18 2.46
C PRO E 94 3.05 26.45 1.44
N ASP E 95 2.74 27.34 0.50
CA ASP E 95 3.71 27.70 -0.53
C ASP E 95 4.56 28.90 -0.14
N ASP E 96 5.09 28.85 1.09
CA ASP E 96 6.23 29.63 1.53
C ASP E 96 7.07 28.80 2.48
N PHE E 97 7.00 27.48 2.32
CA PHE E 97 7.56 26.54 3.28
C PHE E 97 9.07 26.60 3.31
N THR E 98 9.64 26.41 4.49
CA THR E 98 11.06 26.65 4.71
C THR E 98 11.67 25.47 5.46
N GLY E 99 11.46 24.26 4.95
CA GLY E 99 12.03 23.09 5.59
C GLY E 99 12.36 21.98 4.62
N CYS E 100 12.51 20.76 5.13
CA CYS E 100 12.99 19.64 4.35
C CYS E 100 12.00 18.48 4.45
N VAL E 101 11.95 17.67 3.40
CA VAL E 101 11.06 16.51 3.33
C VAL E 101 11.93 15.27 3.16
N ILE E 102 11.94 14.41 4.17
CA ILE E 102 12.80 13.23 4.20
C ILE E 102 11.94 11.98 4.16
N ALA E 103 12.36 11.00 3.37
CA ALA E 103 11.62 9.75 3.24
C ALA E 103 12.50 8.57 3.61
N TRP E 104 11.93 7.37 3.41
CA TRP E 104 12.62 6.11 3.61
C TRP E 104 12.14 5.08 2.62
N ASN E 105 12.50 3.83 2.87
CA ASN E 105 11.82 2.66 2.32
C ASN E 105 11.73 1.68 3.47
N SER E 106 10.60 1.67 4.16
CA SER E 106 10.37 0.74 5.25
C SER E 106 9.29 -0.24 4.80
N ASN E 107 9.74 -1.28 4.10
CA ASN E 107 8.89 -2.42 3.79
C ASN E 107 9.14 -3.58 4.75
N LYS E 108 10.36 -3.68 5.25
CA LYS E 108 10.70 -4.71 6.22
C LYS E 108 10.05 -4.46 7.57
N LEU E 109 9.77 -3.20 7.89
CA LEU E 109 9.42 -2.80 9.24
C LEU E 109 7.93 -2.57 9.43
N ASP E 110 7.20 -2.31 8.36
CA ASP E 110 5.86 -1.74 8.46
C ASP E 110 4.87 -2.49 7.60
N SER E 111 5.17 -3.75 7.30
CA SER E 111 4.32 -4.53 6.42
C SER E 111 4.50 -6.02 6.69
N LYS E 112 3.44 -6.67 7.13
CA LYS E 112 3.43 -8.12 7.30
C LYS E 112 2.92 -8.75 6.01
N VAL E 113 3.04 -10.08 5.92
CA VAL E 113 2.66 -10.76 4.68
C VAL E 113 1.14 -10.79 4.50
N SER E 114 0.38 -10.66 5.58
CA SER E 114 -1.06 -10.46 5.46
C SER E 114 -1.35 -8.97 5.48
N GLY E 115 -2.63 -8.63 5.51
CA GLY E 115 -3.03 -7.23 5.44
C GLY E 115 -2.73 -6.51 6.74
N ASN E 116 -1.80 -5.56 6.70
CA ASN E 116 -1.53 -4.68 7.82
C ASN E 116 -2.47 -3.49 7.70
N TYR E 117 -3.62 -3.57 8.36
CA TYR E 117 -4.68 -2.60 8.20
C TYR E 117 -4.69 -1.53 9.28
N ASN E 118 -3.53 -1.22 9.86
CA ASN E 118 -3.48 -0.28 10.96
C ASN E 118 -3.25 1.15 10.52
N TYR E 119 -3.05 1.41 9.23
CA TYR E 119 -2.84 2.74 8.71
C TYR E 119 -4.05 3.18 7.90
N LEU E 120 -4.54 4.38 8.18
CA LEU E 120 -5.75 4.90 7.56
C LEU E 120 -5.43 6.21 6.83
N TYR E 121 -6.22 6.54 5.83
CA TYR E 121 -6.09 7.83 5.17
C TYR E 121 -7.49 8.35 4.88
N ARG E 122 -7.59 9.67 4.70
CA ARG E 122 -8.88 10.30 4.50
C ARG E 122 -9.23 10.28 3.02
N LEU E 123 -10.51 10.07 2.73
CA LEU E 123 -10.97 9.97 1.35
C LEU E 123 -11.64 11.24 0.85
N PHE E 124 -12.26 12.03 1.72
CA PHE E 124 -12.89 13.27 1.30
C PHE E 124 -13.01 14.22 2.50
N ARG E 125 -13.27 15.48 2.18
CA ARG E 125 -13.56 16.50 3.18
C ARG E 125 -14.45 17.54 2.52
N LYS E 126 -15.21 18.27 3.34
CA LYS E 126 -16.14 19.25 2.77
C LYS E 126 -15.42 20.44 2.18
N SER E 127 -14.19 20.71 2.63
CA SER E 127 -13.35 21.71 2.02
C SER E 127 -11.91 21.22 2.09
N ASN E 128 -11.05 21.82 1.29
CA ASN E 128 -9.64 21.46 1.33
C ASN E 128 -9.00 21.92 2.62
N LEU E 129 -7.81 21.38 2.90
CA LEU E 129 -7.17 21.62 4.17
C LEU E 129 -6.43 22.95 4.16
N LYS E 130 -6.62 23.73 5.22
CA LYS E 130 -5.71 24.82 5.52
C LYS E 130 -4.33 24.23 5.82
N PRO E 131 -3.26 24.96 5.52
CA PRO E 131 -1.90 24.42 5.72
C PRO E 131 -1.58 24.19 7.19
N PHE E 132 -1.05 22.99 7.47
CA PHE E 132 -0.78 22.46 8.82
C PHE E 132 -2.06 22.39 9.66
N GLU E 133 -3.01 21.57 9.21
CA GLU E 133 -4.23 21.37 9.96
C GLU E 133 -4.68 19.92 9.86
N ARG E 134 -5.00 19.33 11.01
CA ARG E 134 -5.29 17.91 11.14
C ARG E 134 -6.74 17.74 11.61
N ASP E 135 -7.43 16.75 11.04
CA ASP E 135 -8.81 16.45 11.41
C ASP E 135 -8.93 14.98 11.78
N ILE E 136 -9.39 14.70 12.99
CA ILE E 136 -9.65 13.35 13.42
C ILE E 136 -11.16 13.08 13.46
N SER E 137 -11.93 13.82 12.67
CA SER E 137 -13.38 13.69 12.64
C SER E 137 -13.74 12.42 11.89
N THR E 138 -13.92 11.33 12.61
CA THR E 138 -14.31 10.05 12.04
C THR E 138 -15.82 9.91 12.13
N GLU E 139 -16.52 10.82 11.47
CA GLU E 139 -17.98 10.80 11.44
C GLU E 139 -18.43 10.61 10.00
N ILE E 140 -19.49 9.79 9.86
CA ILE E 140 -19.96 9.38 8.55
C ILE E 140 -20.56 10.57 7.81
N TYR E 141 -20.15 10.74 6.56
CA TYR E 141 -20.77 11.67 5.62
C TYR E 141 -22.25 11.31 5.47
N GLN E 142 -23.13 12.25 5.80
CA GLN E 142 -24.55 11.94 5.75
C GLN E 142 -25.05 11.86 4.32
N ALA E 143 -24.80 12.89 3.51
CA ALA E 143 -24.94 12.89 2.06
C ALA E 143 -26.36 12.64 1.55
N GLY E 144 -27.34 12.55 2.44
CA GLY E 144 -28.72 12.42 2.04
C GLY E 144 -29.65 13.07 3.03
N ASN E 145 -30.94 13.05 2.72
CA ASN E 145 -31.92 13.65 3.62
C ASN E 145 -32.14 12.76 4.83
N LYS E 146 -31.86 11.47 4.70
CA LYS E 146 -32.01 10.57 5.83
C LYS E 146 -30.83 10.68 6.77
N PRO E 147 -31.05 10.79 8.08
CA PRO E 147 -30.00 10.50 9.04
C PRO E 147 -29.84 9.00 9.23
N CYS E 148 -28.58 8.56 9.30
CA CYS E 148 -28.28 7.12 9.35
C CYS E 148 -27.51 6.71 10.59
N ASN E 149 -27.41 7.61 11.59
CA ASN E 149 -27.02 7.33 13.00
C ASN E 149 -25.74 6.53 13.16
N GLY E 150 -24.79 6.75 12.25
CA GLY E 150 -23.44 6.24 12.47
C GLY E 150 -23.18 4.81 12.06
N VAL E 151 -24.05 4.21 11.25
CA VAL E 151 -23.77 2.91 10.63
C VAL E 151 -23.83 3.09 9.12
N ALA E 152 -22.74 2.74 8.45
CA ALA E 152 -22.60 3.03 7.03
C ALA E 152 -23.45 2.09 6.19
N GLY E 153 -23.45 2.34 4.88
CA GLY E 153 -24.21 1.55 3.95
C GLY E 153 -24.50 2.34 2.69
N PHE E 154 -25.68 2.15 2.10
CA PHE E 154 -26.11 3.01 1.01
C PHE E 154 -26.29 4.43 1.50
N ASN E 155 -25.83 5.39 0.70
CA ASN E 155 -25.94 6.84 0.89
C ASN E 155 -25.25 7.33 2.16
N CYS E 156 -24.48 6.51 2.85
CA CYS E 156 -23.77 6.93 4.05
C CYS E 156 -22.40 6.28 4.04
N TYR E 157 -21.36 7.09 3.86
CA TYR E 157 -20.05 6.55 3.57
C TYR E 157 -19.09 6.94 4.67
N PHE E 158 -18.16 6.04 4.93
CA PHE E 158 -17.16 6.20 5.97
C PHE E 158 -15.99 7.01 5.42
N PRO E 159 -15.40 7.89 6.21
CA PRO E 159 -14.37 8.80 5.68
C PRO E 159 -12.94 8.32 5.81
N LEU E 160 -12.68 7.08 6.21
CA LEU E 160 -11.31 6.60 6.36
C LEU E 160 -11.20 5.21 5.77
N ARG E 161 -10.63 5.10 4.58
CA ARG E 161 -10.28 3.82 4.00
C ARG E 161 -8.93 3.40 4.57
N SER E 162 -8.65 2.10 4.51
CA SER E 162 -7.48 1.55 5.16
C SER E 162 -6.39 1.20 4.16
N TYR E 163 -5.14 1.45 4.57
CA TYR E 163 -4.02 0.93 3.80
C TYR E 163 -3.91 -0.57 4.04
N SER E 164 -3.22 -1.25 3.12
CA SER E 164 -3.06 -2.68 3.21
C SER E 164 -1.62 -3.11 3.40
N PHE E 165 -0.70 -2.66 2.53
CA PHE E 165 0.75 -2.84 2.64
C PHE E 165 1.15 -4.31 2.69
N ARG E 166 0.90 -4.98 1.61
CA ARG E 166 1.53 -6.29 1.55
C ARG E 166 2.87 -6.17 0.81
N PRO E 167 3.89 -6.96 1.17
CA PRO E 167 5.21 -6.80 0.56
C PRO E 167 5.36 -7.42 -0.82
N THR E 168 4.27 -7.86 -1.45
CA THR E 168 4.32 -8.32 -2.83
C THR E 168 3.74 -7.30 -3.79
N TYR E 169 3.47 -6.09 -3.32
CA TYR E 169 2.78 -5.07 -4.12
C TYR E 169 3.66 -4.36 -5.13
N GLY E 170 4.67 -3.65 -4.66
CA GLY E 170 5.43 -2.78 -5.53
C GLY E 170 6.40 -1.94 -4.72
N VAL E 171 7.30 -1.28 -5.43
CA VAL E 171 8.20 -0.32 -4.81
C VAL E 171 7.49 1.01 -4.59
N GLY E 172 6.30 1.16 -5.15
CA GLY E 172 5.53 2.38 -4.97
C GLY E 172 4.31 2.21 -4.08
N HIS E 173 3.92 0.97 -3.78
CA HIS E 173 2.86 0.74 -2.81
C HIS E 173 3.34 0.07 -1.54
N GLN E 174 4.60 -0.30 -1.44
CA GLN E 174 5.04 -0.64 -0.10
C GLN E 174 5.25 0.65 0.68
N PRO E 175 5.00 0.65 2.00
CA PRO E 175 4.87 1.92 2.73
C PRO E 175 6.20 2.63 2.89
N TYR E 176 6.16 3.94 2.66
CA TYR E 176 7.32 4.81 2.78
C TYR E 176 7.07 5.76 3.93
N ARG E 177 7.86 5.64 4.99
CA ARG E 177 7.74 6.61 6.08
C ARG E 177 8.29 7.94 5.64
N VAL E 178 7.73 9.02 6.19
CA VAL E 178 8.09 10.38 5.79
C VAL E 178 8.14 11.23 7.04
N VAL E 179 9.26 11.88 7.29
CA VAL E 179 9.39 12.86 8.35
C VAL E 179 9.61 14.23 7.71
N VAL E 180 8.80 15.20 8.10
CA VAL E 180 8.85 16.55 7.53
C VAL E 180 9.40 17.48 8.60
N LEU E 181 10.61 17.97 8.40
CA LEU E 181 11.13 19.03 9.25
C LEU E 181 10.55 20.33 8.75
N SER E 182 10.27 21.25 9.67
CA SER E 182 9.75 22.58 9.32
C SER E 182 10.47 23.59 10.18
N PHE E 183 11.18 24.51 9.55
CA PHE E 183 11.89 25.55 10.25
C PHE E 183 11.05 26.83 10.22
N GLU E 184 11.22 27.67 11.25
CA GLU E 184 10.45 28.91 11.32
C GLU E 184 11.17 29.92 12.20
N LEU E 185 10.77 31.19 12.05
CA LEU E 185 11.53 32.32 12.54
C LEU E 185 10.63 33.38 13.18
N LEU E 186 9.71 32.96 14.05
CA LEU E 186 8.77 33.91 14.64
C LEU E 186 9.45 34.66 15.78
N HIS E 187 10.03 35.82 15.46
CA HIS E 187 10.18 37.03 16.31
C HIS E 187 10.46 36.74 17.79
N ALA E 188 11.46 35.91 18.04
CA ALA E 188 11.88 35.58 19.39
C ALA E 188 13.38 35.31 19.32
N PRO E 189 14.12 35.51 20.42
CA PRO E 189 15.56 35.23 20.40
C PRO E 189 15.87 33.77 20.10
N ALA E 190 17.09 33.55 19.63
CA ALA E 190 17.45 32.31 18.95
C ALA E 190 17.43 31.12 19.90
N THR E 191 17.00 29.97 19.37
CA THR E 191 16.83 28.79 20.19
C THR E 191 17.54 27.55 19.65
N VAL E 192 17.51 27.34 18.33
CA VAL E 192 17.96 26.09 17.72
C VAL E 192 19.16 26.38 16.84
N CYS E 193 20.34 25.92 17.25
CA CYS E 193 21.58 26.16 16.55
C CYS E 193 22.64 25.17 17.03
N GLY E 194 23.40 24.62 16.09
CA GLY E 194 24.37 23.60 16.42
C GLY E 194 25.82 24.02 16.36
N ASP F 1 20.33 4.94 23.77
CA ASP F 1 19.25 3.99 23.96
C ASP F 1 18.32 4.47 25.05
N ILE F 2 17.43 3.58 25.51
CA ILE F 2 16.58 3.91 26.65
C ILE F 2 17.00 3.03 27.82
N VAL F 3 17.89 3.55 28.67
CA VAL F 3 18.33 2.76 29.81
C VAL F 3 17.21 2.70 30.84
N LEU F 4 16.96 1.50 31.35
CA LEU F 4 15.86 1.25 32.26
C LEU F 4 16.44 0.86 33.61
N THR F 5 16.43 1.80 34.54
CA THR F 5 16.89 1.53 35.90
C THR F 5 15.80 0.75 36.64
N GLN F 6 16.12 -0.46 37.07
CA GLN F 6 15.24 -1.25 37.91
C GLN F 6 15.79 -1.23 39.32
N SER F 7 15.15 -0.47 40.20
CA SER F 7 15.54 -0.43 41.59
C SER F 7 14.30 -0.67 42.44
N PRO F 8 14.36 -1.60 43.41
CA PRO F 8 15.51 -2.41 43.80
C PRO F 8 15.69 -3.66 42.96
N ALA F 9 16.90 -4.20 42.95
CA ALA F 9 17.20 -5.39 42.15
C ALA F 9 16.79 -6.68 42.84
N THR F 10 16.54 -6.64 44.15
CA THR F 10 16.12 -7.83 44.87
C THR F 10 15.05 -7.45 45.88
N LEU F 11 14.29 -8.46 46.29
CA LEU F 11 13.26 -8.29 47.30
C LEU F 11 13.29 -9.49 48.23
N SER F 12 13.32 -9.21 49.53
CA SER F 12 13.28 -10.24 50.55
C SER F 12 11.88 -10.18 51.15
N VAL F 13 10.95 -10.88 50.53
CA VAL F 13 9.54 -10.81 50.91
C VAL F 13 9.10 -12.16 51.47
N THR F 14 7.99 -12.13 52.18
CA THR F 14 7.38 -13.32 52.73
C THR F 14 6.21 -13.74 51.86
N PRO F 15 5.76 -15.00 51.96
CA PRO F 15 4.53 -15.36 51.26
C PRO F 15 3.31 -14.64 51.84
N GLY F 16 2.28 -14.51 51.01
CA GLY F 16 1.07 -13.84 51.43
C GLY F 16 1.18 -12.33 51.55
N ASP F 17 1.90 -11.68 50.63
CA ASP F 17 2.11 -10.24 50.69
C ASP F 17 1.67 -9.58 49.40
N ASN F 18 1.75 -8.25 49.41
CA ASN F 18 1.51 -7.42 48.23
C ASN F 18 2.81 -6.67 47.94
N VAL F 19 3.43 -6.97 46.80
CA VAL F 19 4.75 -6.46 46.49
C VAL F 19 4.69 -5.55 45.28
N SER F 20 5.57 -4.56 45.25
CA SER F 20 5.62 -3.58 44.18
C SER F 20 7.00 -3.56 43.56
N LEU F 21 7.03 -3.45 42.24
CA LEU F 21 8.26 -3.39 41.47
C LEU F 21 8.43 -1.98 40.90
N SER F 22 9.46 -1.78 40.08
CA SER F 22 9.71 -0.46 39.51
C SER F 22 10.56 -0.61 38.26
N CYS F 23 10.15 0.06 37.18
CA CYS F 23 10.95 0.16 35.96
C CYS F 23 10.80 1.60 35.46
N ARG F 24 11.69 2.48 35.94
CA ARG F 24 11.65 3.89 35.57
C ARG F 24 12.61 4.15 34.41
N ALA F 25 12.10 4.82 33.39
CA ALA F 25 12.83 5.00 32.14
C ALA F 25 13.64 6.29 32.17
N SER F 26 14.18 6.66 31.02
CA SER F 26 14.86 7.93 30.83
C SER F 26 14.17 8.81 29.79
N GLN F 27 13.83 8.25 28.63
CA GLN F 27 13.00 8.94 27.67
C GLN F 27 11.56 8.49 27.84
N ILE F 28 10.63 9.30 27.34
CA ILE F 28 9.21 9.05 27.54
C ILE F 28 8.78 7.88 26.66
N ILE F 29 8.17 6.88 27.27
CA ILE F 29 7.75 5.67 26.56
C ILE F 29 6.26 5.46 26.88
N SER F 30 5.40 5.95 25.99
CA SER F 30 3.97 5.98 26.25
C SER F 30 3.39 4.58 26.09
N ASN F 31 3.18 3.90 27.23
CA ASN F 31 2.61 2.55 27.39
C ASN F 31 3.11 1.50 26.40
N ASN F 32 4.39 1.55 26.05
CA ASN F 32 5.01 0.56 25.18
C ASN F 32 6.10 -0.22 25.92
N LEU F 33 5.79 -0.61 27.15
CA LEU F 33 6.67 -1.39 28.00
C LEU F 33 6.04 -2.74 28.28
N HIS F 34 6.83 -3.81 28.20
CA HIS F 34 6.36 -5.13 28.58
C HIS F 34 7.21 -5.67 29.71
N TRP F 35 6.67 -6.67 30.41
CA TRP F 35 7.28 -7.22 31.61
C TRP F 35 7.52 -8.72 31.45
N TYR F 36 8.65 -9.19 31.96
CA TYR F 36 9.04 -10.59 31.84
C TYR F 36 9.51 -11.10 33.19
N GLN F 37 9.50 -12.44 33.34
CA GLN F 37 10.17 -13.09 34.46
C GLN F 37 11.07 -14.20 33.92
N GLN F 38 12.13 -14.50 34.66
CA GLN F 38 13.04 -15.59 34.30
C GLN F 38 13.53 -16.28 35.55
N LYS F 39 13.27 -17.58 35.64
CA LYS F 39 13.63 -18.37 36.82
C LYS F 39 15.07 -18.85 36.69
N SER F 40 15.46 -19.81 37.52
CA SER F 40 16.84 -20.30 37.57
C SER F 40 17.14 -21.15 36.34
N HIS F 41 17.83 -20.54 35.37
CA HIS F 41 18.32 -21.18 34.14
C HIS F 41 17.18 -21.75 33.29
N GLU F 42 16.30 -20.87 32.85
CA GLU F 42 15.26 -21.23 31.89
C GLU F 42 15.11 -20.08 30.90
N SER F 43 14.11 -20.17 30.08
CA SER F 43 13.69 -19.18 29.10
C SER F 43 12.62 -18.29 29.69
N PRO F 44 12.69 -16.98 29.45
CA PRO F 44 11.70 -16.06 30.03
C PRO F 44 10.33 -16.18 29.40
N ARG F 45 9.32 -15.90 30.22
CA ARG F 45 7.93 -15.95 29.80
C ARG F 45 7.34 -14.54 29.79
N LEU F 46 6.21 -14.40 29.12
CA LEU F 46 5.50 -13.14 29.03
C LEU F 46 4.53 -13.00 30.19
N LEU F 47 4.43 -11.79 30.74
CA LEU F 47 3.52 -11.51 31.83
C LEU F 47 2.41 -10.54 31.45
N ILE F 48 2.76 -9.33 31.01
CA ILE F 48 1.79 -8.31 30.64
C ILE F 48 2.29 -7.57 29.41
N LYS F 49 1.40 -7.33 28.46
CA LYS F 49 1.73 -6.60 27.25
C LYS F 49 1.18 -5.19 27.33
N TYR F 50 1.96 -4.24 26.81
CA TYR F 50 1.60 -2.81 26.72
C TYR F 50 1.32 -2.20 28.09
N ALA F 51 2.04 -2.69 29.10
CA ALA F 51 2.24 -2.09 30.42
C ALA F 51 1.04 -2.14 31.35
N SER F 52 -0.13 -2.53 30.85
CA SER F 52 -1.26 -2.73 31.76
C SER F 52 -2.10 -3.96 31.47
N GLN F 53 -2.11 -4.48 30.25
CA GLN F 53 -3.06 -5.52 29.87
C GLN F 53 -2.47 -6.90 30.12
N SER F 54 -3.34 -7.82 30.52
CA SER F 54 -2.93 -9.16 30.89
C SER F 54 -3.21 -10.15 29.77
N ILE F 55 -2.57 -11.31 29.85
CA ILE F 55 -2.71 -12.38 28.87
C ILE F 55 -3.15 -13.62 29.63
N SER F 56 -3.97 -14.45 28.98
CA SER F 56 -4.35 -15.75 29.53
C SER F 56 -3.12 -16.66 29.65
N GLY F 57 -3.25 -17.66 30.51
CA GLY F 57 -2.15 -18.58 30.76
C GLY F 57 -1.47 -18.32 32.09
N ILE F 58 -1.27 -17.06 32.44
CA ILE F 58 -0.75 -16.70 33.76
C ILE F 58 -1.97 -16.58 34.66
N PRO F 59 -1.82 -16.58 35.99
CA PRO F 59 -2.96 -16.28 36.85
C PRO F 59 -3.46 -14.86 36.67
N SER F 60 -4.74 -14.67 36.99
CA SER F 60 -5.39 -13.37 36.83
C SER F 60 -5.02 -12.38 37.92
N ARG F 61 -4.29 -12.80 38.95
CA ARG F 61 -3.88 -11.91 40.02
C ARG F 61 -2.81 -10.92 39.59
N PHE F 62 -2.07 -11.23 38.53
CA PHE F 62 -1.02 -10.34 38.04
C PHE F 62 -1.66 -9.10 37.42
N SER F 63 -1.19 -7.92 37.83
CA SER F 63 -1.79 -6.67 37.39
C SER F 63 -0.70 -5.66 37.10
N GLY F 64 -0.78 -5.01 35.95
CA GLY F 64 0.20 -4.02 35.53
C GLY F 64 -0.38 -2.63 35.58
N SER F 65 0.38 -1.69 36.14
CA SER F 65 -0.06 -0.34 36.37
C SER F 65 0.97 0.64 35.84
N GLY F 66 0.66 1.92 35.97
CA GLY F 66 1.56 2.99 35.58
C GLY F 66 1.52 3.28 34.09
N SER F 67 1.66 4.55 33.76
CA SER F 67 1.75 4.98 32.38
C SER F 67 2.59 6.25 32.31
N GLY F 68 2.94 6.66 31.10
CA GLY F 68 3.80 7.81 30.93
C GLY F 68 5.25 7.39 30.87
N THR F 69 5.97 7.55 31.98
CA THR F 69 7.32 7.04 32.12
C THR F 69 7.50 6.13 33.32
N ASP F 70 6.64 6.24 34.33
CA ASP F 70 6.77 5.54 35.60
C ASP F 70 5.94 4.27 35.57
N PHE F 71 6.56 3.13 35.82
CA PHE F 71 5.88 1.85 35.73
C PHE F 71 6.24 0.97 36.92
N THR F 72 5.20 0.51 37.62
CA THR F 72 5.35 -0.39 38.76
C THR F 72 4.55 -1.66 38.48
N LEU F 73 5.16 -2.82 38.71
CA LEU F 73 4.46 -4.08 38.63
C LEU F 73 4.04 -4.47 40.04
N SER F 74 2.75 -4.41 40.31
CA SER F 74 2.19 -4.76 41.61
C SER F 74 1.47 -6.10 41.48
N ILE F 75 1.99 -7.10 42.19
CA ILE F 75 1.34 -8.39 42.35
C ILE F 75 1.07 -8.62 43.82
N ASN F 76 -0.16 -8.99 44.13
CA ASN F 76 -0.57 -9.30 45.49
C ASN F 76 -0.71 -10.81 45.67
N SER F 77 -0.79 -11.22 46.94
CA SER F 77 -1.02 -12.59 47.38
C SER F 77 0.06 -13.54 46.85
N VAL F 78 1.32 -13.11 47.00
CA VAL F 78 2.44 -13.84 46.41
C VAL F 78 2.65 -15.15 47.16
N GLU F 79 2.66 -16.25 46.40
CA GLU F 79 2.82 -17.59 46.93
C GLU F 79 4.19 -18.14 46.55
N THR F 80 4.39 -19.44 46.80
CA THR F 80 5.70 -20.06 46.70
C THR F 80 6.23 -20.10 45.27
N GLU F 81 5.36 -20.32 44.28
CA GLU F 81 5.80 -20.68 42.93
C GLU F 81 6.37 -19.52 42.12
N ASP F 82 6.55 -18.34 42.69
CA ASP F 82 7.05 -17.20 41.94
C ASP F 82 8.46 -16.79 42.37
N PHE F 83 9.35 -17.77 42.52
CA PHE F 83 10.76 -17.45 42.67
C PHE F 83 11.39 -17.20 41.31
N GLY F 84 12.21 -16.17 41.24
CA GLY F 84 12.91 -15.90 39.98
C GLY F 84 13.32 -14.44 39.89
N MET F 85 13.67 -14.04 38.68
CA MET F 85 14.12 -12.69 38.37
C MET F 85 13.21 -12.09 37.32
N TYR F 86 12.84 -10.82 37.51
CA TYR F 86 11.79 -10.19 36.72
C TYR F 86 12.37 -9.06 35.87
N PHE F 87 11.95 -9.01 34.61
CA PHE F 87 12.49 -8.09 33.60
C PHE F 87 11.44 -7.08 33.16
N CYS F 88 11.91 -5.98 32.61
CA CYS F 88 11.08 -5.04 31.87
C CYS F 88 11.80 -4.70 30.58
N GLN F 89 11.07 -4.70 29.47
CA GLN F 89 11.67 -4.49 28.16
C GLN F 89 10.80 -3.55 27.36
N GLN F 90 11.35 -2.38 27.03
CA GLN F 90 10.56 -1.38 26.33
C GLN F 90 10.54 -1.66 24.84
N SER F 91 9.75 -0.86 24.12
CA SER F 91 9.59 -1.10 22.69
C SER F 91 9.49 0.18 21.87
N ASN F 92 9.67 1.35 22.47
CA ASN F 92 9.24 2.56 21.77
C ASN F 92 10.26 3.02 20.74
N THR F 93 11.44 3.42 21.17
CA THR F 93 12.44 3.83 20.19
C THR F 93 13.38 2.66 19.95
N TRP F 94 14.46 2.92 19.23
CA TRP F 94 15.39 1.86 18.86
C TRP F 94 16.79 2.15 19.38
N PRO F 95 17.59 1.12 19.68
CA PRO F 95 17.28 -0.31 19.69
C PRO F 95 16.55 -0.73 20.96
N LEU F 96 15.81 -1.83 20.88
CA LEU F 96 15.08 -2.33 22.04
C LEU F 96 16.05 -2.86 23.08
N THR F 97 15.74 -2.61 24.34
CA THR F 97 16.63 -3.02 25.41
C THR F 97 15.84 -3.34 26.66
N CYS F 98 16.40 -4.22 27.48
CA CYS F 98 15.73 -4.75 28.66
C CYS F 98 16.45 -4.28 29.91
N GLY F 99 15.75 -4.38 31.04
CA GLY F 99 16.27 -3.92 32.31
C GLY F 99 17.34 -4.82 32.87
N SER F 100 17.94 -4.36 33.96
CA SER F 100 19.07 -5.06 34.57
C SER F 100 18.65 -6.13 35.58
N GLY F 101 17.38 -6.53 35.56
CA GLY F 101 16.97 -7.66 36.38
C GLY F 101 16.51 -7.31 37.78
N THR F 102 15.31 -7.77 38.12
CA THR F 102 14.74 -7.59 39.46
C THR F 102 14.39 -8.97 39.99
N LYS F 103 15.12 -9.44 40.99
CA LYS F 103 14.96 -10.81 41.42
C LYS F 103 14.03 -10.90 42.63
N LEU F 104 13.33 -12.01 42.72
CA LEU F 104 12.24 -12.20 43.68
C LEU F 104 12.41 -13.53 44.40
N GLU F 105 12.86 -13.47 45.64
CA GLU F 105 13.04 -14.64 46.48
C GLU F 105 11.98 -14.65 47.59
N LEU F 106 12.07 -15.65 48.46
CA LEU F 106 11.07 -15.87 49.50
C LEU F 106 11.74 -16.03 50.86
N ASN F 107 11.21 -15.34 51.86
CA ASN F 107 11.54 -15.64 53.26
C ASN F 107 10.63 -16.76 53.76
N GLN G 1 0.10 -26.11 19.81
CA GLN G 1 1.50 -26.46 19.94
C GLN G 1 2.37 -25.54 19.11
N ILE G 2 3.00 -24.56 19.76
CA ILE G 2 3.87 -23.60 19.10
C ILE G 2 5.13 -23.40 19.93
N GLN G 3 6.21 -24.06 19.51
CA GLN G 3 7.48 -23.98 20.21
C GLN G 3 8.59 -23.74 19.20
N LEU G 4 9.75 -23.31 19.71
CA LEU G 4 10.91 -23.01 18.89
C LEU G 4 12.09 -23.81 19.41
N VAL G 5 12.36 -24.95 18.81
CA VAL G 5 13.46 -25.79 19.23
C VAL G 5 14.76 -25.17 18.73
N GLN G 6 15.87 -25.46 19.42
CA GLN G 6 17.18 -24.94 19.02
C GLN G 6 18.20 -26.05 18.91
N SER G 7 19.46 -25.67 18.74
CA SER G 7 20.56 -26.63 18.75
C SER G 7 20.96 -26.95 20.18
N GLY G 8 21.99 -27.78 20.32
CA GLY G 8 22.52 -28.09 21.63
C GLY G 8 23.66 -27.16 21.97
N PRO G 9 24.39 -27.45 23.04
CA PRO G 9 25.55 -26.64 23.39
C PRO G 9 26.68 -26.83 22.39
N GLU G 10 27.55 -25.82 22.32
CA GLU G 10 28.75 -25.88 21.49
C GLU G 10 29.97 -25.59 22.36
N LEU G 11 31.13 -26.02 21.87
CA LEU G 11 32.39 -25.79 22.57
C LEU G 11 33.44 -25.51 21.51
N LYS G 12 33.80 -24.25 21.34
CA LYS G 12 34.69 -23.82 20.27
C LYS G 12 35.95 -23.20 20.85
N LYS G 13 36.85 -22.89 19.97
CA LYS G 13 38.14 -22.24 20.18
C LYS G 13 38.13 -20.84 19.57
N PRO G 14 38.90 -19.89 20.14
CA PRO G 14 38.82 -18.50 19.66
C PRO G 14 39.35 -18.30 18.26
N GLY G 15 38.44 -18.05 17.32
CA GLY G 15 38.75 -17.98 15.91
C GLY G 15 37.86 -18.86 15.05
N GLU G 16 37.29 -19.91 15.62
CA GLU G 16 36.37 -20.77 14.89
C GLU G 16 35.05 -20.03 14.68
N THR G 17 34.35 -20.39 13.61
CA THR G 17 32.98 -19.93 13.40
C THR G 17 32.01 -20.87 14.09
N VAL G 18 30.83 -20.35 14.42
CA VAL G 18 29.83 -21.12 15.13
C VAL G 18 28.50 -20.92 14.44
N LYS G 19 27.61 -21.89 14.57
CA LYS G 19 26.33 -21.88 13.87
C LYS G 19 25.27 -22.39 14.82
N ILE G 20 24.19 -21.64 14.97
CA ILE G 20 23.11 -21.94 15.89
C ILE G 20 21.82 -21.98 15.11
N SER G 21 21.10 -23.08 15.19
CA SER G 21 19.83 -23.22 14.50
C SER G 21 18.69 -22.77 15.41
N CYS G 22 17.59 -22.35 14.78
CA CYS G 22 16.39 -21.99 15.53
C CYS G 22 15.19 -22.32 14.65
N LYS G 23 14.66 -23.53 14.83
CA LYS G 23 13.58 -24.02 13.99
C LYS G 23 12.24 -23.66 14.59
N ALA G 24 11.34 -23.10 13.77
CA ALA G 24 10.00 -22.79 14.20
C ALA G 24 9.07 -23.97 13.98
N SER G 25 7.91 -23.94 14.63
CA SER G 25 6.99 -25.08 14.62
C SER G 25 5.60 -24.61 15.03
N GLY G 26 4.64 -24.73 14.13
CA GLY G 26 3.25 -24.55 14.50
C GLY G 26 2.57 -23.33 13.92
N TYR G 27 3.25 -22.19 13.92
CA TYR G 27 2.67 -20.96 13.40
C TYR G 27 3.19 -20.70 12.00
N THR G 28 2.45 -19.87 11.27
CA THR G 28 2.86 -19.45 9.93
C THR G 28 4.12 -18.61 10.03
N PHE G 29 5.17 -19.02 9.32
CA PHE G 29 6.50 -18.46 9.56
C PHE G 29 6.64 -17.03 9.07
N THR G 30 5.91 -16.66 8.03
CA THR G 30 6.06 -15.33 7.44
C THR G 30 5.21 -14.28 8.12
N ASP G 31 4.54 -14.61 9.22
CA ASP G 31 3.67 -13.65 9.91
C ASP G 31 4.35 -12.91 11.04
N TYR G 32 5.61 -13.22 11.34
CA TYR G 32 6.28 -12.61 12.48
C TYR G 32 7.75 -12.37 12.12
N GLY G 33 8.54 -12.01 13.12
CA GLY G 33 9.98 -11.96 13.01
C GLY G 33 10.64 -13.04 13.84
N LEU G 34 11.97 -12.95 13.93
CA LEU G 34 12.74 -13.77 14.88
C LEU G 34 13.80 -12.90 15.52
N ASN G 35 13.45 -12.29 16.63
CA ASN G 35 14.41 -11.48 17.39
C ASN G 35 15.39 -12.38 18.09
N TRP G 36 16.68 -12.06 17.98
CA TRP G 36 17.75 -12.84 18.60
C TRP G 36 18.33 -12.08 19.77
N VAL G 37 18.34 -12.70 20.94
CA VAL G 37 18.70 -12.02 22.18
C VAL G 37 19.75 -12.86 22.92
N LYS G 38 20.82 -12.21 23.34
CA LYS G 38 21.93 -12.86 24.03
C LYS G 38 21.83 -12.57 25.51
N GLN G 39 21.93 -13.62 26.33
CA GLN G 39 21.93 -13.47 27.78
C GLN G 39 23.24 -14.04 28.31
N ALA G 40 24.14 -13.16 28.73
CA ALA G 40 25.34 -13.60 29.41
C ALA G 40 24.97 -14.08 30.81
N PRO G 41 25.79 -14.95 31.42
CA PRO G 41 25.54 -15.36 32.81
C PRO G 41 25.84 -14.23 33.77
N GLY G 42 24.85 -13.86 34.58
CA GLY G 42 25.02 -12.82 35.56
C GLY G 42 24.71 -11.43 35.06
N LYS G 43 24.02 -11.29 33.93
CA LYS G 43 23.65 -10.00 33.37
C LYS G 43 22.24 -10.09 32.82
N GLY G 44 21.73 -8.96 32.33
CA GLY G 44 20.42 -8.92 31.73
C GLY G 44 20.45 -9.21 30.25
N LEU G 45 19.27 -9.18 29.64
CA LEU G 45 19.15 -9.45 28.22
C LEU G 45 19.71 -8.30 27.40
N LYS G 46 20.04 -8.59 26.14
CA LYS G 46 20.48 -7.61 25.17
C LYS G 46 19.92 -8.01 23.82
N TRP G 47 19.09 -7.17 23.24
CA TRP G 47 18.52 -7.47 21.93
C TRP G 47 19.58 -7.27 20.86
N MET G 48 20.09 -8.36 20.30
CA MET G 48 21.13 -8.26 19.29
C MET G 48 20.61 -7.76 17.96
N GLY G 49 19.32 -7.89 17.70
CA GLY G 49 18.79 -7.52 16.41
C GLY G 49 17.87 -8.56 15.86
N TRP G 50 17.07 -8.22 14.86
CA TRP G 50 16.03 -9.12 14.40
C TRP G 50 16.26 -9.48 12.94
N ILE G 51 15.29 -10.22 12.40
CA ILE G 51 15.32 -10.68 11.01
C ILE G 51 13.88 -10.81 10.52
N ASN G 52 13.59 -10.20 9.39
CA ASN G 52 12.29 -10.43 8.77
C ASN G 52 12.27 -11.82 8.17
N THR G 53 11.27 -12.62 8.53
CA THR G 53 11.27 -14.01 8.10
C THR G 53 10.78 -14.18 6.67
N TYR G 54 10.13 -13.17 6.10
CA TYR G 54 9.70 -13.28 4.71
C TYR G 54 10.77 -12.80 3.74
N SER G 55 11.42 -11.68 4.06
CA SER G 55 12.41 -11.12 3.17
C SER G 55 13.75 -11.84 3.29
N GLY G 56 14.35 -11.79 4.47
CA GLY G 56 15.67 -12.33 4.69
C GLY G 56 16.73 -11.30 5.00
N GLU G 57 16.35 -10.07 5.31
CA GLU G 57 17.33 -9.02 5.56
C GLU G 57 17.47 -8.76 7.06
N PRO G 58 18.66 -8.77 7.61
CA PRO G 58 18.84 -8.54 9.04
C PRO G 58 18.76 -7.06 9.38
N THR G 59 18.81 -6.79 10.69
CA THR G 59 18.96 -5.43 11.23
C THR G 59 19.67 -5.57 12.57
N TYR G 60 20.99 -5.40 12.56
CA TYR G 60 21.71 -5.62 13.80
C TYR G 60 21.67 -4.38 14.69
N ASN G 61 22.01 -4.59 15.96
CA ASN G 61 22.25 -3.51 16.89
C ASN G 61 23.51 -2.75 16.50
N ASP G 62 23.67 -1.53 17.05
CA ASP G 62 24.94 -0.85 16.86
C ASP G 62 26.04 -1.41 17.72
N GLU G 63 25.70 -2.21 18.75
CA GLU G 63 26.72 -2.90 19.52
C GLU G 63 27.33 -4.03 18.72
N PHE G 64 26.48 -4.90 18.18
CA PHE G 64 26.94 -6.07 17.43
C PHE G 64 26.80 -5.82 15.93
N ARG G 65 27.57 -4.83 15.45
CA ARG G 65 27.42 -4.39 14.07
C ARG G 65 28.11 -5.35 13.11
N GLY G 66 29.42 -5.48 13.23
CA GLY G 66 30.15 -6.51 12.54
C GLY G 66 30.10 -7.80 13.34
N ARG G 67 30.87 -8.78 12.86
CA ARG G 67 31.17 -10.04 13.55
C ARG G 67 29.96 -10.94 13.78
N PHE G 68 28.81 -10.64 13.16
CA PHE G 68 27.62 -11.47 13.28
C PHE G 68 26.89 -11.43 11.95
N ALA G 69 25.98 -12.38 11.76
CA ALA G 69 25.20 -12.45 10.52
C ALA G 69 23.97 -13.30 10.75
N PHE G 70 22.80 -12.74 10.49
CA PHE G 70 21.55 -13.48 10.57
C PHE G 70 21.22 -13.97 9.17
N SER G 71 21.51 -15.24 8.89
CA SER G 71 21.06 -15.81 7.63
C SER G 71 19.70 -16.47 7.83
N LEU G 72 19.17 -17.01 6.75
CA LEU G 72 17.81 -17.52 6.76
C LEU G 72 17.61 -18.44 5.57
N GLU G 73 16.92 -19.56 5.79
CA GLU G 73 16.44 -20.40 4.70
C GLU G 73 15.02 -20.83 5.03
N THR G 74 14.17 -20.86 4.01
CA THR G 74 12.75 -21.13 4.21
C THR G 74 12.29 -22.45 3.61
N SER G 75 13.19 -23.23 3.01
CA SER G 75 12.85 -24.59 2.63
C SER G 75 12.64 -25.44 3.88
N THR G 76 13.64 -25.48 4.75
CA THR G 76 13.48 -25.92 6.13
C THR G 76 13.42 -24.67 7.00
N ILE G 77 12.37 -24.56 7.80
CA ILE G 77 12.10 -23.36 8.59
C ILE G 77 13.14 -23.22 9.69
N THR G 78 14.08 -22.30 9.50
CA THR G 78 15.26 -22.20 10.35
C THR G 78 15.92 -20.83 10.14
N ALA G 79 16.19 -20.12 11.23
CA ALA G 79 17.09 -18.99 11.19
C ALA G 79 18.45 -19.40 11.76
N TYR G 80 19.48 -18.65 11.41
CA TYR G 80 20.83 -18.89 11.89
C TYR G 80 21.43 -17.61 12.43
N LEU G 81 22.23 -17.76 13.48
CA LEU G 81 23.11 -16.70 13.95
C LEU G 81 24.53 -17.19 13.71
N LYS G 82 25.17 -16.67 12.68
CA LYS G 82 26.42 -17.23 12.18
C LYS G 82 27.57 -16.31 12.56
N ILE G 83 28.13 -16.52 13.73
CA ILE G 83 29.28 -15.74 14.19
C ILE G 83 30.51 -16.18 13.43
N ASN G 84 31.31 -15.20 13.00
CA ASN G 84 32.66 -15.44 12.53
C ASN G 84 33.62 -14.78 13.50
N ASN G 85 34.75 -15.44 13.76
CA ASN G 85 35.80 -14.99 14.68
C ASN G 85 35.24 -14.78 16.09
N LEU G 86 34.86 -15.90 16.71
CA LEU G 86 34.49 -15.91 18.12
C LEU G 86 35.60 -15.35 19.00
N LYS G 87 35.21 -14.69 20.07
CA LYS G 87 36.14 -14.10 21.02
C LYS G 87 35.95 -14.73 22.39
N ASN G 88 36.58 -14.15 23.40
CA ASN G 88 36.52 -14.73 24.74
C ASN G 88 35.34 -14.24 25.55
N GLU G 89 35.01 -12.95 25.49
CA GLU G 89 34.06 -12.36 26.42
C GLU G 89 32.60 -12.57 26.04
N ASP G 90 32.31 -13.38 25.02
CA ASP G 90 30.93 -13.65 24.63
C ASP G 90 30.49 -15.06 25.01
N THR G 91 31.05 -15.60 26.09
CA THR G 91 30.52 -16.83 26.67
C THR G 91 29.15 -16.53 27.26
N ALA G 92 28.10 -17.00 26.60
CA ALA G 92 26.77 -16.53 26.94
C ALA G 92 25.74 -17.62 26.65
N THR G 93 24.47 -17.22 26.60
CA THR G 93 23.35 -18.10 26.29
C THR G 93 22.52 -17.36 25.24
N TYR G 94 22.31 -17.99 24.09
CA TYR G 94 21.71 -17.32 22.95
C TYR G 94 20.32 -17.88 22.71
N PHE G 95 19.31 -17.03 22.83
CA PHE G 95 17.92 -17.46 22.65
C PHE G 95 17.52 -17.25 21.19
N CYS G 96 16.23 -17.39 20.91
CA CYS G 96 15.63 -16.84 19.70
C CYS G 96 14.14 -16.73 19.98
N ALA G 97 13.59 -15.54 19.81
CA ALA G 97 12.24 -15.25 20.28
C ALA G 97 11.41 -14.63 19.18
N ARG G 98 10.15 -15.07 19.09
CA ARG G 98 9.27 -14.69 17.99
C ARG G 98 8.50 -13.43 18.34
N GLY G 99 9.08 -12.28 18.05
CA GLY G 99 8.42 -11.00 18.22
C GLY G 99 7.87 -10.51 16.90
N GLY G 100 6.68 -9.91 16.96
CA GLY G 100 5.93 -9.59 15.77
C GLY G 100 6.55 -8.46 14.97
N ASN G 101 5.94 -8.21 13.82
CA ASN G 101 6.34 -7.14 12.92
C ASN G 101 5.60 -5.84 13.17
N TRP G 102 4.69 -5.83 14.15
CA TRP G 102 3.98 -4.62 14.52
C TRP G 102 3.95 -4.41 16.03
N ASP G 103 4.34 -5.40 16.84
CA ASP G 103 4.18 -5.35 18.28
C ASP G 103 5.49 -5.14 19.03
N TRP G 104 6.48 -6.01 18.80
CA TRP G 104 7.74 -6.09 19.54
C TRP G 104 7.51 -6.32 21.04
N TYR G 105 6.92 -7.48 21.34
CA TYR G 105 7.10 -8.12 22.62
C TYR G 105 7.39 -9.59 22.38
N PHE G 106 8.47 -10.08 22.96
CA PHE G 106 8.91 -11.44 22.71
C PHE G 106 8.10 -12.35 23.61
N ASP G 107 7.14 -13.07 23.04
CA ASP G 107 6.25 -13.90 23.83
C ASP G 107 6.53 -15.40 23.72
N VAL G 108 6.92 -15.89 22.55
CA VAL G 108 7.18 -17.31 22.33
C VAL G 108 8.67 -17.47 22.12
N TRP G 109 9.32 -18.17 23.05
CA TRP G 109 10.77 -18.23 23.09
C TRP G 109 11.25 -19.63 22.77
N GLY G 110 12.57 -19.82 22.89
CA GLY G 110 13.19 -21.11 22.70
C GLY G 110 14.00 -21.49 23.94
N ALA G 111 14.42 -22.74 23.98
CA ALA G 111 14.98 -23.29 25.20
C ALA G 111 16.37 -22.76 25.52
N GLY G 112 17.14 -22.36 24.52
CA GLY G 112 18.41 -21.74 24.80
C GLY G 112 19.62 -22.51 24.34
N THR G 113 20.44 -21.87 23.51
CA THR G 113 21.70 -22.43 23.03
C THR G 113 22.84 -21.80 23.81
N THR G 114 23.81 -22.61 24.19
CA THR G 114 24.92 -22.17 25.02
C THR G 114 26.22 -22.36 24.26
N VAL G 115 26.94 -21.27 24.03
CA VAL G 115 28.24 -21.36 23.37
C VAL G 115 29.36 -20.89 24.32
N THR G 116 29.91 -21.84 25.08
CA THR G 116 31.05 -21.57 25.94
C THR G 116 32.31 -21.93 25.18
N VAL G 117 33.12 -20.94 24.88
CA VAL G 117 34.38 -21.17 24.20
C VAL G 117 35.49 -21.29 25.21
N SER G 118 36.53 -22.04 24.85
CA SER G 118 37.62 -22.37 25.78
C SER G 118 38.85 -22.70 24.96
N SER G 119 39.85 -23.27 25.63
CA SER G 119 41.06 -23.74 24.97
C SER G 119 41.29 -25.21 25.31
C1 NAG H . 18.64 5.48 14.84
C2 NAG H . 19.73 6.54 14.75
C3 NAG H . 20.91 6.04 13.92
C4 NAG H . 21.41 4.69 14.43
C5 NAG H . 20.25 3.69 14.48
C6 NAG H . 20.64 2.36 15.09
C7 NAG H . 19.68 8.98 14.55
C8 NAG H . 19.03 10.15 13.89
N2 NAG H . 19.21 7.78 14.21
O3 NAG H . 21.97 6.99 13.99
O4 NAG H . 22.41 4.21 13.53
O5 NAG H . 19.20 4.22 15.30
O6 NAG H . 19.86 1.28 14.55
O7 NAG H . 20.60 9.12 15.35
C1 NAG H . 23.74 4.19 14.12
C2 NAG H . 24.76 3.97 13.00
C3 NAG H . 26.16 3.90 13.60
C4 NAG H . 26.46 5.12 14.47
C5 NAG H . 25.33 5.38 15.48
C6 NAG H . 25.47 6.70 16.18
C7 NAG H . 23.76 2.73 11.13
C8 NAG H . 23.55 1.38 10.51
N2 NAG H . 24.47 2.75 12.26
O3 NAG H . 27.11 3.84 12.54
O4 NAG H . 27.64 4.86 15.22
O5 NAG H . 24.06 5.41 14.81
O6 NAG H . 25.19 7.79 15.32
O7 NAG H . 23.30 3.75 10.63
C1 BMA H . 28.76 5.64 14.78
C2 BMA H . 29.71 5.83 16.00
C3 BMA H . 31.01 6.51 15.57
C4 BMA H . 31.62 5.85 14.32
C5 BMA H . 30.56 5.78 13.19
C6 BMA H . 31.06 5.09 11.95
O2 BMA H . 30.08 4.57 16.56
O3 BMA H . 31.96 6.54 16.62
O4 BMA H . 32.73 6.59 13.87
O5 BMA H . 29.42 5.04 13.68
O6 BMA H . 30.01 5.07 10.99
#